data_5EF8
#
_entry.id   5EF8
#
_cell.length_a   65.168
_cell.length_b   140.396
_cell.length_c   91.856
_cell.angle_alpha   90.00
_cell.angle_beta   90.00
_cell.angle_gamma   90.00
#
_symmetry.space_group_name_H-M   'P 21 21 2'
#
loop_
_entity.id
_entity.type
_entity.pdbx_description
1 polymer 'Hdac6 protein'
2 non-polymer 'ZINC ION'
3 non-polymer 'POTASSIUM ION'
4 non-polymer Panobinostat
5 non-polymer GLYCEROL
6 non-polymer 1,2-ETHANEDIOL
7 water water
#
_entity_poly.entity_id   1
_entity_poly.type   'polypeptide(L)'
_entity_poly.pdbx_seq_one_letter_code
;SNAGGSSPITGLVYDQRMMLHHNMWDSHHPELPQRISRIFSRHEELRLLSRCHRIPARLATEEELALCHSSKHISIIKSS
EHMKPRDLNRLGDEYNSIFISNESYTCALLAAGSCFNSAQAILTGQVRNAVAIVRPPGHHAEKDTACGFCFFNTAALTAR
YAQSITRESLRVLIVDWDVHHGNGTQHIFEEDDSVLYISLHRYEDGAFFPNSEDANYDKVGLGKGRGYNVNIPWNGGKMG
DPEYMAAFHHLVMPIAREFAPELVLVSAGFDAARGDPLGGFQVTPEGYAHLTHQLMSLAAGRVLIILEGGYNLTSISESM
SMCTSMLLGDSPPSLDHLTPLKTSATVSINNVLRAHAPFWSSLR
;
_entity_poly.pdbx_strand_id   A,B
#
loop_
_chem_comp.id
_chem_comp.type
_chem_comp.name
_chem_comp.formula
EDO non-polymer 1,2-ETHANEDIOL 'C2 H6 O2'
GOL non-polymer GLYCEROL 'C3 H8 O3'
K non-polymer 'POTASSIUM ION' 'K 1'
LBH non-polymer Panobinostat 'C21 H23 N3 O2'
ZN non-polymer 'ZINC ION' 'Zn 2'
#
# COMPACT_ATOMS: atom_id res chain seq x y z
N PRO A 8 19.02 30.87 -4.31
CA PRO A 8 19.13 29.56 -3.67
C PRO A 8 18.04 29.32 -2.63
N ILE A 9 17.33 30.38 -2.26
CA ILE A 9 16.32 30.30 -1.22
C ILE A 9 15.01 29.68 -1.69
N THR A 10 14.38 28.92 -0.79
CA THR A 10 13.12 28.24 -1.09
C THR A 10 11.97 28.82 -0.26
N GLY A 11 10.88 29.18 -0.94
CA GLY A 11 9.72 29.72 -0.26
C GLY A 11 8.74 28.63 0.16
N LEU A 12 7.97 28.91 1.22
CA LEU A 12 6.95 28.00 1.69
C LEU A 12 5.78 28.80 2.25
N VAL A 13 4.59 28.56 1.72
CA VAL A 13 3.42 29.25 2.23
C VAL A 13 2.44 28.26 2.86
N TYR A 14 2.00 28.57 4.08
CA TYR A 14 0.99 27.79 4.77
C TYR A 14 0.21 28.66 5.75
N ASP A 15 -1.10 28.44 5.81
CA ASP A 15 -1.97 29.18 6.72
C ASP A 15 -3.06 28.26 7.22
N GLN A 16 -3.09 28.02 8.53
CA GLN A 16 -4.02 27.05 9.11
C GLN A 16 -5.48 27.50 8.98
N ARG A 17 -5.69 28.73 8.52
CA ARG A 17 -7.04 29.23 8.25
C ARG A 17 -7.73 28.43 7.15
N MET A 18 -6.94 27.76 6.31
CA MET A 18 -7.47 26.96 5.23
C MET A 18 -8.01 25.61 5.72
N MET A 19 -7.93 25.37 7.03
CA MET A 19 -8.49 24.16 7.62
C MET A 19 -9.97 24.34 7.91
N LEU A 20 -10.45 25.58 7.90
CA LEU A 20 -11.82 25.90 8.26
C LEU A 20 -12.82 25.29 7.28
N HIS A 21 -12.40 25.15 6.03
CA HIS A 21 -13.19 24.44 5.02
C HIS A 21 -13.38 22.99 5.45
N HIS A 22 -14.62 22.56 5.63
CA HIS A 22 -14.89 21.23 6.16
C HIS A 22 -16.25 20.67 5.73
N ASN A 23 -16.40 19.35 5.84
CA ASN A 23 -17.63 18.68 5.49
C ASN A 23 -18.55 18.51 6.70
N MET A 24 -19.65 19.25 6.70
CA MET A 24 -20.56 19.28 7.85
C MET A 24 -21.35 17.99 8.03
N TRP A 25 -21.48 17.22 6.95
CA TRP A 25 -22.35 16.05 6.97
C TRP A 25 -21.58 14.74 7.00
N ASP A 26 -20.33 14.80 6.55
CA ASP A 26 -19.43 13.66 6.69
C ASP A 26 -18.05 14.13 7.10
N SER A 27 -17.81 14.15 8.41
CA SER A 27 -16.55 14.64 8.97
C SER A 27 -15.38 13.70 8.68
N HIS A 28 -15.68 12.56 8.05
CA HIS A 28 -14.65 11.59 7.70
C HIS A 28 -14.37 11.60 6.19
N HIS A 29 -14.82 12.66 5.52
CA HIS A 29 -14.54 12.84 4.11
C HIS A 29 -13.04 13.00 3.89
N PRO A 30 -12.47 12.30 2.90
CA PRO A 30 -11.03 12.25 2.61
C PRO A 30 -10.36 13.63 2.52
N GLU A 31 -11.05 14.62 1.94
CA GLU A 31 -10.48 15.96 1.81
C GLU A 31 -10.46 16.67 3.17
N LEU A 32 -9.67 16.14 4.09
CA LEU A 32 -9.65 16.61 5.47
C LEU A 32 -8.89 17.92 5.67
N PRO A 33 -9.29 18.70 6.69
CA PRO A 33 -8.55 19.90 7.10
C PRO A 33 -7.11 19.59 7.54
N GLN A 34 -6.90 18.41 8.12
CA GLN A 34 -5.59 18.05 8.63
C GLN A 34 -4.60 17.66 7.53
N ARG A 35 -5.07 17.65 6.28
CA ARG A 35 -4.19 17.34 5.16
C ARG A 35 -3.04 18.33 5.08
N ILE A 36 -3.35 19.62 5.20
CA ILE A 36 -2.33 20.65 5.12
C ILE A 36 -1.58 20.83 6.42
N SER A 37 -2.24 20.56 7.55
CA SER A 37 -1.60 20.73 8.84
C SER A 37 -0.58 19.62 9.09
N ARG A 38 -0.94 18.39 8.71
CA ARG A 38 -0.03 17.26 8.87
C ARG A 38 1.21 17.43 7.99
N ILE A 39 1.01 17.91 6.76
CA ILE A 39 2.12 18.16 5.85
C ILE A 39 3.04 19.23 6.43
N PHE A 40 2.44 20.29 6.95
CA PHE A 40 3.20 21.39 7.54
C PHE A 40 4.00 20.91 8.76
N SER A 41 3.37 20.08 9.59
CA SER A 41 4.03 19.52 10.77
CA SER A 41 4.04 19.53 10.77
C SER A 41 5.25 18.70 10.37
N ARG A 42 5.12 17.93 9.30
CA ARG A 42 6.20 17.07 8.83
C ARG A 42 7.40 17.88 8.36
N HIS A 43 7.14 18.99 7.68
CA HIS A 43 8.20 19.90 7.24
C HIS A 43 9.00 20.41 8.44
N GLU A 44 8.31 20.63 9.55
CA GLU A 44 8.94 21.12 10.76
C GLU A 44 9.77 20.02 11.41
N GLU A 45 9.21 18.81 11.48
CA GLU A 45 9.90 17.66 12.05
C GLU A 45 11.19 17.34 11.30
N LEU A 46 11.17 17.55 9.98
CA LEU A 46 12.30 17.17 9.14
C LEU A 46 13.26 18.34 8.86
N ARG A 47 13.21 19.36 9.72
CA ARG A 47 14.09 20.53 9.61
C ARG A 47 13.98 21.25 8.26
N LEU A 48 12.83 21.10 7.60
CA LEU A 48 12.65 21.71 6.29
C LEU A 48 12.09 23.12 6.39
N LEU A 49 11.11 23.31 7.26
CA LEU A 49 10.46 24.60 7.44
C LEU A 49 11.46 25.70 7.81
N SER A 50 12.39 25.38 8.69
CA SER A 50 13.40 26.32 9.14
C SER A 50 14.31 26.78 8.02
N ARG A 51 14.53 25.92 7.04
CA ARG A 51 15.40 26.23 5.91
C ARG A 51 14.66 26.99 4.81
N CYS A 52 13.40 27.31 5.05
CA CYS A 52 12.59 27.99 4.05
C CYS A 52 12.21 29.41 4.45
N HIS A 53 12.02 30.27 3.45
CA HIS A 53 11.50 31.60 3.67
C HIS A 53 9.98 31.57 3.67
N ARG A 54 9.38 32.00 4.78
CA ARG A 54 7.93 31.93 4.94
C ARG A 54 7.21 33.01 4.15
N ILE A 55 6.59 32.62 3.04
CA ILE A 55 5.79 33.52 2.23
C ILE A 55 4.39 33.60 2.83
N PRO A 56 3.87 34.82 3.00
CA PRO A 56 2.54 34.98 3.61
C PRO A 56 1.40 34.57 2.69
N ALA A 57 0.29 34.18 3.28
CA ALA A 57 -0.93 33.89 2.52
C ALA A 57 -1.76 35.16 2.39
N ARG A 58 -2.64 35.19 1.40
CA ARG A 58 -3.54 36.31 1.23
C ARG A 58 -4.78 35.90 0.44
N LEU A 59 -5.81 36.74 0.47
CA LEU A 59 -7.00 36.47 -0.31
C LEU A 59 -6.77 36.82 -1.78
N ALA A 60 -7.23 35.96 -2.67
CA ALA A 60 -7.28 36.31 -4.08
C ALA A 60 -8.43 37.31 -4.25
N THR A 61 -8.33 38.17 -5.25
CA THR A 61 -9.39 39.14 -5.50
C THR A 61 -10.35 38.59 -6.55
N GLU A 62 -11.59 39.08 -6.52
CA GLU A 62 -12.60 38.67 -7.49
C GLU A 62 -12.15 39.07 -8.90
N GLU A 63 -11.35 40.12 -8.98
CA GLU A 63 -10.71 40.51 -10.24
C GLU A 63 -9.78 39.41 -10.71
N GLU A 64 -9.05 38.83 -9.76
CA GLU A 64 -8.07 37.78 -10.07
C GLU A 64 -8.74 36.45 -10.41
N LEU A 65 -9.86 36.16 -9.74
CA LEU A 65 -10.62 34.95 -10.06
C LEU A 65 -11.16 35.00 -11.49
N ALA A 66 -11.42 36.22 -11.96
CA ALA A 66 -12.01 36.43 -13.29
C ALA A 66 -11.01 36.12 -14.41
N LEU A 67 -9.75 35.86 -14.04
CA LEU A 67 -8.73 35.49 -15.02
C LEU A 67 -9.05 34.13 -15.63
N CYS A 68 -9.79 33.31 -14.90
CA CYS A 68 -10.14 31.97 -15.36
C CYS A 68 -11.61 31.61 -15.16
N HIS A 69 -12.29 32.34 -14.27
CA HIS A 69 -13.66 31.96 -13.90
C HIS A 69 -14.71 33.00 -14.27
N SER A 70 -15.88 32.51 -14.67
CA SER A 70 -17.01 33.36 -15.01
C SER A 70 -17.54 34.08 -13.78
N SER A 71 -18.12 35.26 -13.99
CA SER A 71 -18.64 36.06 -12.89
C SER A 71 -19.81 35.38 -12.19
N LYS A 72 -20.57 34.59 -12.94
CA LYS A 72 -21.69 33.85 -12.37
C LYS A 72 -21.20 32.82 -11.36
N HIS A 73 -20.20 32.04 -11.77
CA HIS A 73 -19.62 31.00 -10.93
C HIS A 73 -18.99 31.58 -9.66
N ILE A 74 -18.32 32.71 -9.80
CA ILE A 74 -17.68 33.38 -8.67
C ILE A 74 -18.71 33.83 -7.65
N SER A 75 -19.79 34.45 -8.12
CA SER A 75 -20.84 34.98 -7.27
C SER A 75 -21.56 33.89 -6.49
N ILE A 76 -21.76 32.75 -7.13
CA ILE A 76 -22.48 31.64 -6.50
C ILE A 76 -21.69 31.06 -5.34
N ILE A 77 -20.39 30.81 -5.56
CA ILE A 77 -19.52 30.29 -4.51
C ILE A 77 -19.34 31.34 -3.41
N LYS A 78 -19.21 32.60 -3.82
CA LYS A 78 -19.06 33.71 -2.88
C LYS A 78 -20.26 33.83 -1.94
N SER A 79 -21.45 33.56 -2.45
CA SER A 79 -22.68 33.71 -1.68
C SER A 79 -22.83 32.62 -0.61
N SER A 80 -22.10 31.51 -0.78
CA SER A 80 -22.18 30.40 0.16
C SER A 80 -21.60 30.78 1.53
N GLU A 81 -20.88 31.89 1.56
CA GLU A 81 -20.25 32.38 2.80
C GLU A 81 -21.30 32.71 3.87
N HIS A 82 -22.50 33.09 3.43
CA HIS A 82 -23.54 33.53 4.35
C HIS A 82 -24.75 32.61 4.36
N MET A 83 -24.58 31.37 3.94
CA MET A 83 -25.70 30.45 3.82
C MET A 83 -25.96 29.62 5.07
N LYS A 84 -27.22 29.27 5.28
CA LYS A 84 -27.60 28.30 6.31
C LYS A 84 -27.11 26.92 5.89
N PRO A 85 -26.97 25.99 6.85
CA PRO A 85 -26.57 24.61 6.53
C PRO A 85 -27.43 23.97 5.44
N ARG A 86 -28.72 24.27 5.44
CA ARG A 86 -29.65 23.70 4.47
C ARG A 86 -29.32 24.13 3.05
N ASP A 87 -29.05 25.42 2.87
CA ASP A 87 -28.73 25.96 1.55
C ASP A 87 -27.32 25.56 1.12
N LEU A 88 -26.43 25.38 2.09
CA LEU A 88 -25.08 24.88 1.82
C LEU A 88 -25.15 23.49 1.24
N ASN A 89 -26.04 22.68 1.78
CA ASN A 89 -26.25 21.31 1.33
C ASN A 89 -26.77 21.26 -0.11
N ARG A 90 -27.80 22.05 -0.40
CA ARG A 90 -28.41 22.08 -1.72
C ARG A 90 -27.44 22.61 -2.78
N LEU A 91 -26.62 23.60 -2.42
CA LEU A 91 -25.64 24.16 -3.36
C LEU A 91 -24.56 23.13 -3.68
N GLY A 92 -24.15 22.39 -2.66
CA GLY A 92 -23.14 21.36 -2.83
C GLY A 92 -23.60 20.25 -3.77
N ASP A 93 -24.90 19.93 -3.72
CA ASP A 93 -25.45 18.86 -4.55
C ASP A 93 -25.67 19.30 -5.99
N GLU A 94 -25.35 20.55 -6.30
CA GLU A 94 -25.50 21.04 -7.67
C GLU A 94 -24.20 20.84 -8.46
N TYR A 95 -23.18 20.30 -7.79
CA TYR A 95 -21.91 20.03 -8.44
C TYR A 95 -21.50 18.57 -8.28
N ASN A 96 -20.50 18.16 -9.04
CA ASN A 96 -19.96 16.81 -8.91
C ASN A 96 -18.91 16.74 -7.80
N SER A 97 -19.24 16.00 -6.75
CA SER A 97 -18.31 15.74 -5.64
C SER A 97 -17.85 17.03 -4.96
N ILE A 98 -18.80 17.81 -4.45
CA ILE A 98 -18.49 19.06 -3.78
C ILE A 98 -19.26 19.20 -2.46
N PHE A 99 -18.53 19.46 -1.38
CA PHE A 99 -19.17 19.84 -0.13
C PHE A 99 -18.79 21.28 0.20
N ILE A 100 -19.74 22.03 0.75
CA ILE A 100 -19.51 23.44 1.04
C ILE A 100 -19.88 23.79 2.48
N SER A 101 -19.00 24.55 3.14
CA SER A 101 -19.31 25.14 4.42
C SER A 101 -19.14 26.65 4.32
N ASN A 102 -19.42 27.36 5.41
CA ASN A 102 -19.40 28.82 5.40
C ASN A 102 -18.00 29.41 5.18
N GLU A 103 -16.97 28.60 5.41
CA GLU A 103 -15.60 29.07 5.28
C GLU A 103 -14.94 28.62 3.98
N SER A 104 -15.66 27.79 3.22
CA SER A 104 -15.14 27.20 2.00
C SER A 104 -14.62 28.24 1.00
N TYR A 105 -15.44 29.25 0.74
CA TYR A 105 -15.10 30.31 -0.21
C TYR A 105 -13.84 31.05 0.20
N THR A 106 -13.72 31.37 1.48
CA THR A 106 -12.54 32.06 2.01
C THR A 106 -11.28 31.21 1.84
N CYS A 107 -11.38 29.94 2.23
CA CYS A 107 -10.25 29.02 2.11
CA CYS A 107 -10.25 29.02 2.11
C CYS A 107 -9.81 28.86 0.67
N ALA A 108 -10.77 28.87 -0.24
CA ALA A 108 -10.47 28.77 -1.68
C ALA A 108 -9.72 29.99 -2.16
N LEU A 109 -10.08 31.15 -1.60
CA LEU A 109 -9.43 32.41 -1.94
C LEU A 109 -8.02 32.47 -1.36
N LEU A 110 -7.85 31.94 -0.16
CA LEU A 110 -6.54 31.89 0.49
C LEU A 110 -5.60 30.97 -0.26
N ALA A 111 -6.13 29.85 -0.73
CA ALA A 111 -5.34 28.88 -1.49
C ALA A 111 -4.83 29.51 -2.78
N ALA A 112 -5.72 30.21 -3.47
CA ALA A 112 -5.36 30.90 -4.71
C ALA A 112 -4.41 32.06 -4.44
N GLY A 113 -4.73 32.85 -3.42
CA GLY A 113 -3.93 34.00 -3.07
C GLY A 113 -2.54 33.64 -2.60
N SER A 114 -2.43 32.51 -1.90
CA SER A 114 -1.14 32.03 -1.41
C SER A 114 -0.19 31.73 -2.56
N CYS A 115 -0.71 31.12 -3.61
CA CYS A 115 0.09 30.73 -4.76
C CYS A 115 0.44 31.94 -5.62
N PHE A 116 -0.37 33.00 -5.52
CA PHE A 116 -0.09 34.23 -6.25
C PHE A 116 1.17 34.88 -5.68
N ASN A 117 1.20 35.03 -4.35
CA ASN A 117 2.36 35.58 -3.67
C ASN A 117 3.59 34.70 -3.86
N SER A 118 3.38 33.38 -3.88
CA SER A 118 4.46 32.44 -4.11
C SER A 118 5.02 32.61 -5.52
N ALA A 119 4.13 32.74 -6.49
CA ALA A 119 4.53 32.96 -7.87
C ALA A 119 5.24 34.31 -8.01
N GLN A 120 4.71 35.31 -7.30
CA GLN A 120 5.28 36.66 -7.32
C GLN A 120 6.69 36.66 -6.75
N ALA A 121 6.89 35.92 -5.66
CA ALA A 121 8.19 35.85 -5.00
C ALA A 121 9.24 35.23 -5.91
N ILE A 122 8.83 34.24 -6.68
CA ILE A 122 9.74 33.55 -7.60
C ILE A 122 10.18 34.46 -8.74
N LEU A 123 9.20 35.04 -9.42
CA LEU A 123 9.45 35.82 -10.64
C LEU A 123 10.26 37.10 -10.37
N THR A 124 10.18 37.63 -9.15
CA THR A 124 10.92 38.83 -8.80
C THR A 124 12.23 38.48 -8.11
N GLY A 125 12.60 37.20 -8.15
CA GLY A 125 13.87 36.76 -7.61
C GLY A 125 13.97 36.72 -6.10
N GLN A 126 12.85 36.95 -5.42
CA GLN A 126 12.84 36.90 -3.96
C GLN A 126 13.12 35.48 -3.48
N VAL A 127 12.63 34.50 -4.23
CA VAL A 127 12.98 33.10 -4.03
C VAL A 127 13.26 32.45 -5.38
N ARG A 128 13.86 31.26 -5.35
CA ARG A 128 14.09 30.53 -6.60
C ARG A 128 12.93 29.59 -6.86
N ASN A 129 12.59 28.78 -5.87
CA ASN A 129 11.45 27.88 -5.95
C ASN A 129 10.56 28.04 -4.71
N ALA A 130 9.43 27.34 -4.69
CA ALA A 130 8.50 27.47 -3.58
C ALA A 130 7.48 26.32 -3.51
N VAL A 131 7.08 25.99 -2.29
CA VAL A 131 6.02 25.00 -2.07
C VAL A 131 4.80 25.67 -1.47
N ALA A 132 3.62 25.22 -1.90
CA ALA A 132 2.37 25.79 -1.41
C ALA A 132 1.48 24.72 -0.79
N ILE A 133 1.41 24.72 0.54
CA ILE A 133 0.58 23.78 1.27
C ILE A 133 -0.83 24.34 1.42
N VAL A 134 -1.66 24.14 0.40
CA VAL A 134 -2.98 24.77 0.36
C VAL A 134 -4.14 23.78 0.18
N ARG A 135 -5.33 24.24 0.56
CA ARG A 135 -6.57 23.49 0.36
C ARG A 135 -7.73 24.48 0.42
N PRO A 136 -8.85 24.18 -0.28
CA PRO A 136 -9.12 23.01 -1.13
C PRO A 136 -8.36 23.05 -2.46
N PRO A 137 -8.26 21.89 -3.15
CA PRO A 137 -7.57 21.79 -4.44
C PRO A 137 -8.24 22.61 -5.55
N GLY A 138 -7.72 22.51 -6.77
CA GLY A 138 -8.22 23.35 -7.84
C GLY A 138 -8.28 22.82 -9.26
N HIS A 139 -7.51 21.77 -9.58
CA HIS A 139 -7.34 21.38 -10.98
C HIS A 139 -8.61 20.75 -11.60
N HIS A 140 -9.58 20.39 -10.77
CA HIS A 140 -10.86 19.89 -11.30
C HIS A 140 -11.83 21.03 -11.58
N ALA A 141 -11.55 22.19 -11.00
CA ALA A 141 -12.42 23.35 -11.15
C ALA A 141 -12.41 23.89 -12.57
N GLU A 142 -13.58 23.99 -13.18
CA GLU A 142 -13.73 24.54 -14.51
C GLU A 142 -13.95 26.04 -14.46
N LYS A 143 -14.07 26.65 -15.64
CA LYS A 143 -14.33 28.08 -15.73
C LYS A 143 -15.66 28.46 -15.08
N ASP A 144 -16.67 27.61 -15.29
CA ASP A 144 -18.03 27.95 -14.89
C ASP A 144 -18.62 27.07 -13.79
N THR A 145 -17.81 26.20 -13.21
CA THR A 145 -18.35 25.26 -12.23
C THR A 145 -17.31 24.68 -11.28
N ALA A 146 -17.78 24.15 -10.16
CA ALA A 146 -16.94 23.46 -9.20
C ALA A 146 -17.04 21.95 -9.42
N CYS A 147 -15.99 21.23 -9.03
CA CYS A 147 -15.92 19.79 -9.27
C CYS A 147 -14.76 19.16 -8.52
N GLY A 148 -14.93 17.90 -8.12
CA GLY A 148 -13.86 17.12 -7.52
C GLY A 148 -13.11 17.78 -6.37
N PHE A 149 -13.86 18.25 -5.38
CA PHE A 149 -13.32 18.91 -4.18
C PHE A 149 -12.71 20.28 -4.51
N CYS A 150 -12.94 20.76 -5.72
CA CYS A 150 -12.32 22.01 -6.15
C CYS A 150 -13.36 23.11 -6.41
N PHE A 151 -13.04 24.33 -6.01
CA PHE A 151 -13.91 25.47 -6.23
C PHE A 151 -13.36 26.39 -7.32
N PHE A 152 -12.11 26.80 -7.16
CA PHE A 152 -11.43 27.60 -8.17
C PHE A 152 -10.12 26.94 -8.57
N ASN A 153 -9.74 27.09 -9.83
CA ASN A 153 -8.52 26.45 -10.34
C ASN A 153 -7.28 27.24 -9.97
N THR A 154 -6.73 26.94 -8.81
CA THR A 154 -5.57 27.62 -8.25
C THR A 154 -4.38 27.68 -9.22
N ALA A 155 -4.04 26.54 -9.80
CA ALA A 155 -2.89 26.46 -10.70
C ALA A 155 -3.11 27.29 -11.96
N ALA A 156 -4.28 27.16 -12.56
CA ALA A 156 -4.61 27.89 -13.78
C ALA A 156 -4.65 29.39 -13.53
N LEU A 157 -5.13 29.78 -12.35
CA LEU A 157 -5.18 31.18 -11.97
C LEU A 157 -3.78 31.73 -11.69
N THR A 158 -2.92 30.89 -11.12
CA THR A 158 -1.55 31.28 -10.82
C THR A 158 -0.75 31.53 -12.10
N ALA A 159 -1.02 30.73 -13.13
CA ALA A 159 -0.39 30.91 -14.42
C ALA A 159 -0.79 32.25 -15.02
N ARG A 160 -2.09 32.51 -15.05
CA ARG A 160 -2.62 33.77 -15.56
C ARG A 160 -2.14 34.96 -14.73
N TYR A 161 -2.05 34.76 -13.42
CA TYR A 161 -1.55 35.82 -12.54
C TYR A 161 -0.09 36.12 -12.83
N ALA A 162 0.70 35.07 -13.02
CA ALA A 162 2.13 35.21 -13.30
C ALA A 162 2.35 35.98 -14.60
N GLN A 163 1.49 35.72 -15.58
CA GLN A 163 1.58 36.41 -16.86
C GLN A 163 1.17 37.87 -16.71
N SER A 164 0.24 38.13 -15.79
CA SER A 164 -0.26 39.49 -15.60
C SER A 164 0.80 40.42 -15.00
N ILE A 165 1.65 39.89 -14.12
CA ILE A 165 2.71 40.68 -13.51
C ILE A 165 4.07 40.55 -14.22
N THR A 166 4.05 39.99 -15.42
CA THR A 166 5.25 39.93 -16.26
C THR A 166 4.89 40.35 -17.69
N ARG A 167 4.61 39.37 -18.54
CA ARG A 167 4.12 39.65 -19.89
C ARG A 167 3.04 38.66 -20.30
N GLU A 168 2.29 39.02 -21.35
CA GLU A 168 1.17 38.21 -21.79
C GLU A 168 1.59 36.81 -22.24
N SER A 169 2.70 36.74 -22.98
CA SER A 169 3.16 35.47 -23.55
C SER A 169 4.24 34.78 -22.71
N LEU A 170 4.21 34.99 -21.40
CA LEU A 170 5.12 34.30 -20.49
C LEU A 170 4.88 32.79 -20.53
N ARG A 171 5.86 32.05 -21.03
CA ARG A 171 5.70 30.60 -21.19
C ARG A 171 5.70 29.88 -19.84
N VAL A 172 4.54 29.35 -19.46
CA VAL A 172 4.37 28.65 -18.19
C VAL A 172 4.02 27.18 -18.41
N LEU A 173 4.84 26.29 -17.85
CA LEU A 173 4.57 24.86 -17.92
C LEU A 173 3.88 24.37 -16.66
N ILE A 174 2.67 23.82 -16.82
CA ILE A 174 1.96 23.23 -15.70
C ILE A 174 2.04 21.71 -15.76
N VAL A 175 2.71 21.12 -14.77
CA VAL A 175 2.80 19.67 -14.67
C VAL A 175 1.84 19.15 -13.61
N ASP A 176 0.95 18.26 -14.03
CA ASP A 176 -0.08 17.71 -13.15
C ASP A 176 0.20 16.24 -12.86
N TRP A 177 0.76 15.95 -11.70
CA TRP A 177 1.06 14.55 -11.37
C TRP A 177 0.12 13.99 -10.31
N ASP A 178 -0.94 14.74 -10.02
CA ASP A 178 -2.07 14.21 -9.27
C ASP A 178 -2.60 12.99 -10.02
N VAL A 179 -3.03 11.96 -9.32
CA VAL A 179 -3.41 10.71 -9.98
C VAL A 179 -4.66 10.90 -10.86
N HIS A 180 -5.42 11.96 -10.60
CA HIS A 180 -6.60 12.28 -11.40
C HIS A 180 -6.25 13.29 -12.49
N HIS A 181 -7.00 13.26 -13.59
CA HIS A 181 -6.80 14.22 -14.67
C HIS A 181 -7.32 15.60 -14.28
N GLY A 182 -6.52 16.63 -14.53
CA GLY A 182 -6.93 18.00 -14.26
C GLY A 182 -7.79 18.54 -15.38
N ASN A 183 -9.05 18.09 -15.43
CA ASN A 183 -9.98 18.46 -16.49
C ASN A 183 -10.15 19.97 -16.62
N GLY A 184 -10.16 20.67 -15.49
CA GLY A 184 -10.31 22.10 -15.47
C GLY A 184 -9.14 22.81 -16.12
N THR A 185 -7.93 22.39 -15.76
CA THR A 185 -6.72 23.03 -16.26
C THR A 185 -6.52 22.80 -17.76
N GLN A 186 -6.96 21.64 -18.24
CA GLN A 186 -6.86 21.34 -19.66
C GLN A 186 -7.79 22.23 -20.49
N HIS A 187 -9.05 22.31 -20.07
CA HIS A 187 -10.06 23.07 -20.80
C HIS A 187 -9.75 24.57 -20.84
N ILE A 188 -9.19 25.08 -19.75
CA ILE A 188 -8.89 26.50 -19.63
C ILE A 188 -7.79 26.92 -20.62
N PHE A 189 -6.77 26.07 -20.79
CA PHE A 189 -5.66 26.41 -21.68
C PHE A 189 -5.68 25.61 -22.98
N GLU A 190 -6.81 25.00 -23.29
CA GLU A 190 -6.90 24.08 -24.43
C GLU A 190 -6.55 24.74 -25.77
N GLU A 191 -6.80 26.05 -25.87
CA GLU A 191 -6.49 26.80 -27.08
C GLU A 191 -5.28 27.71 -26.90
N ASP A 192 -4.56 27.51 -25.80
CA ASP A 192 -3.44 28.38 -25.46
C ASP A 192 -2.09 27.70 -25.70
N ASP A 193 -1.17 28.42 -26.32
CA ASP A 193 0.17 27.89 -26.58
C ASP A 193 1.22 28.52 -25.67
N SER A 194 0.78 29.47 -24.84
CA SER A 194 1.67 30.11 -23.88
C SER A 194 1.76 29.27 -22.61
N VAL A 195 0.72 28.50 -22.34
CA VAL A 195 0.68 27.63 -21.18
C VAL A 195 0.60 26.17 -21.60
N LEU A 196 1.71 25.45 -21.45
CA LEU A 196 1.77 24.03 -21.78
C LEU A 196 1.28 23.19 -20.61
N TYR A 197 0.29 22.34 -20.86
CA TYR A 197 -0.28 21.50 -19.81
C TYR A 197 0.08 20.03 -20.00
N ILE A 198 0.82 19.48 -19.04
CA ILE A 198 1.17 18.06 -19.07
C ILE A 198 0.59 17.37 -17.84
N SER A 199 -0.19 16.31 -18.07
CA SER A 199 -0.82 15.59 -16.98
C SER A 199 -0.59 14.09 -17.04
N LEU A 200 -0.13 13.53 -15.91
CA LEU A 200 -0.05 12.08 -15.76
C LEU A 200 -1.20 11.65 -14.86
N HIS A 201 -2.02 10.71 -15.32
CA HIS A 201 -3.23 10.37 -14.59
C HIS A 201 -3.72 8.95 -14.86
N ARG A 202 -4.25 8.31 -13.83
CA ARG A 202 -4.93 7.03 -14.00
C ARG A 202 -6.17 7.26 -14.84
N TYR A 203 -6.41 6.38 -15.80
CA TYR A 203 -7.46 6.60 -16.79
C TYR A 203 -8.40 5.41 -16.86
N GLU A 204 -7.83 4.22 -17.08
CA GLU A 204 -8.59 2.98 -17.16
C GLU A 204 -9.72 3.07 -18.18
N ASP A 205 -9.42 3.65 -19.33
CA ASP A 205 -10.37 3.79 -20.43
C ASP A 205 -11.64 4.55 -20.04
N GLY A 206 -11.49 5.51 -19.13
CA GLY A 206 -12.59 6.36 -18.72
C GLY A 206 -13.29 5.88 -17.45
N ALA A 207 -12.85 4.74 -16.94
CA ALA A 207 -13.46 4.14 -15.76
C ALA A 207 -12.88 4.69 -14.46
N PHE A 208 -12.31 5.89 -14.53
CA PHE A 208 -11.67 6.50 -13.37
C PHE A 208 -11.91 8.01 -13.38
N PHE A 209 -12.17 8.57 -12.21
CA PHE A 209 -12.49 10.00 -12.07
C PHE A 209 -11.45 10.88 -12.77
N PRO A 210 -11.91 11.93 -13.48
CA PRO A 210 -13.31 12.37 -13.62
C PRO A 210 -14.09 11.70 -14.74
N ASN A 211 -13.74 10.47 -15.09
CA ASN A 211 -14.53 9.62 -15.98
C ASN A 211 -14.86 10.22 -17.35
N SER A 212 -13.98 11.07 -17.87
CA SER A 212 -14.20 11.64 -19.20
C SER A 212 -13.08 11.25 -20.16
N GLU A 213 -13.44 11.08 -21.44
CA GLU A 213 -12.47 10.73 -22.46
C GLU A 213 -11.60 11.92 -22.84
N ASP A 214 -11.86 13.07 -22.20
CA ASP A 214 -11.04 14.25 -22.40
C ASP A 214 -9.63 14.06 -21.87
N ALA A 215 -9.44 13.00 -21.10
CA ALA A 215 -8.16 12.72 -20.47
C ALA A 215 -7.28 11.78 -21.30
N ASN A 216 -7.80 11.32 -22.43
CA ASN A 216 -7.09 10.36 -23.25
C ASN A 216 -5.94 11.00 -24.02
N TYR A 217 -5.03 10.18 -24.53
CA TYR A 217 -3.81 10.67 -25.16
C TYR A 217 -4.07 11.45 -26.45
N ASP A 218 -5.24 11.24 -27.04
CA ASP A 218 -5.55 11.84 -28.34
C ASP A 218 -6.04 13.29 -28.23
N LYS A 219 -6.18 13.78 -27.00
CA LYS A 219 -6.59 15.16 -26.79
C LYS A 219 -5.38 16.06 -26.66
N VAL A 220 -4.89 16.56 -27.80
CA VAL A 220 -3.63 17.29 -27.85
C VAL A 220 -3.79 18.81 -27.86
N GLY A 221 -5.04 19.28 -27.86
CA GLY A 221 -5.29 20.71 -27.88
C GLY A 221 -6.13 21.16 -29.06
N LEU A 222 -6.50 22.44 -29.06
CA LEU A 222 -7.36 23.00 -30.10
C LEU A 222 -6.75 24.25 -30.72
N GLY A 223 -6.85 24.37 -32.04
CA GLY A 223 -6.36 25.53 -32.75
C GLY A 223 -4.87 25.75 -32.62
N LYS A 224 -4.49 26.94 -32.16
CA LYS A 224 -3.08 27.28 -32.00
C LYS A 224 -2.51 26.66 -30.73
N GLY A 225 -3.36 25.95 -30.00
CA GLY A 225 -2.94 25.26 -28.81
C GLY A 225 -2.67 23.79 -29.05
N ARG A 226 -2.81 23.37 -30.31
CA ARG A 226 -2.57 21.98 -30.69
C ARG A 226 -1.14 21.56 -30.38
N GLY A 227 -1.01 20.56 -29.51
CA GLY A 227 0.29 20.06 -29.11
C GLY A 227 0.72 20.56 -27.75
N TYR A 228 -0.05 21.49 -27.19
CA TYR A 228 0.29 22.07 -25.89
C TYR A 228 -0.58 21.48 -24.78
N ASN A 229 -1.23 20.37 -25.07
CA ASN A 229 -1.95 19.61 -24.05
C ASN A 229 -1.55 18.14 -24.12
N VAL A 230 -0.80 17.70 -23.11
CA VAL A 230 -0.23 16.35 -23.12
C VAL A 230 -0.85 15.47 -22.04
N ASN A 231 -1.70 14.55 -22.46
CA ASN A 231 -2.31 13.59 -21.55
C ASN A 231 -1.56 12.27 -21.55
N ILE A 232 -1.08 11.87 -20.38
CA ILE A 232 -0.44 10.57 -20.22
C ILE A 232 -1.34 9.68 -19.36
N PRO A 233 -2.22 8.90 -20.00
CA PRO A 233 -3.26 8.11 -19.34
C PRO A 233 -2.85 6.68 -19.04
N TRP A 234 -2.89 6.30 -17.77
CA TRP A 234 -2.50 4.95 -17.35
C TRP A 234 -3.67 3.97 -17.42
N ASN A 235 -3.41 2.79 -17.96
CA ASN A 235 -4.38 1.70 -17.98
C ASN A 235 -3.75 0.43 -17.42
N GLY A 236 -4.53 -0.38 -16.72
CA GLY A 236 -4.04 -1.66 -16.25
C GLY A 236 -3.50 -1.66 -14.84
N GLY A 237 -4.17 -0.93 -13.95
CA GLY A 237 -3.90 -1.03 -12.52
C GLY A 237 -2.71 -0.25 -11.97
N LYS A 238 -2.14 -0.79 -10.91
CA LYS A 238 -1.17 -0.08 -10.07
C LYS A 238 0.11 0.34 -10.79
N MET A 239 0.38 1.64 -10.78
CA MET A 239 1.60 2.19 -11.34
C MET A 239 2.47 2.77 -10.23
N GLY A 240 3.74 3.01 -10.52
CA GLY A 240 4.67 3.50 -9.51
C GLY A 240 5.87 4.23 -10.07
N ASP A 241 6.97 4.18 -9.34
CA ASP A 241 8.21 4.85 -9.74
C ASP A 241 8.72 4.48 -11.14
N PRO A 242 8.75 3.17 -11.50
CA PRO A 242 9.25 2.84 -12.84
C PRO A 242 8.47 3.53 -13.95
N GLU A 243 7.16 3.56 -13.80
CA GLU A 243 6.28 4.10 -14.83
C GLU A 243 6.39 5.61 -14.94
N TYR A 244 6.38 6.29 -13.80
CA TYR A 244 6.43 7.75 -13.79
C TYR A 244 7.80 8.30 -14.20
N MET A 245 8.85 7.58 -13.84
CA MET A 245 10.20 7.99 -14.25
C MET A 245 10.37 7.79 -15.76
N ALA A 246 9.82 6.70 -16.27
CA ALA A 246 9.88 6.43 -17.71
C ALA A 246 9.06 7.46 -18.47
N ALA A 247 7.95 7.89 -17.89
CA ALA A 247 7.10 8.91 -18.50
C ALA A 247 7.83 10.25 -18.56
N PHE A 248 8.54 10.58 -17.47
CA PHE A 248 9.32 11.82 -17.42
C PHE A 248 10.52 11.75 -18.36
N HIS A 249 11.19 10.61 -18.38
CA HIS A 249 12.39 10.42 -19.20
C HIS A 249 12.12 10.60 -20.70
N HIS A 250 11.01 10.07 -21.18
CA HIS A 250 10.79 9.97 -22.62
C HIS A 250 9.70 10.90 -23.15
N LEU A 251 8.91 11.47 -22.24
CA LEU A 251 7.83 12.36 -22.66
C LEU A 251 7.90 13.74 -22.00
N VAL A 252 7.68 13.77 -20.69
CA VAL A 252 7.54 15.02 -19.95
C VAL A 252 8.73 15.96 -20.14
N MET A 253 9.92 15.49 -19.77
CA MET A 253 11.12 16.33 -19.84
C MET A 253 11.56 16.71 -21.27
N PRO A 254 11.53 15.77 -22.23
CA PRO A 254 11.89 16.19 -23.59
C PRO A 254 10.95 17.26 -24.17
N ILE A 255 9.66 17.13 -23.91
CA ILE A 255 8.69 18.12 -24.37
C ILE A 255 8.86 19.43 -23.61
N ALA A 256 9.16 19.32 -22.31
CA ALA A 256 9.34 20.50 -21.47
C ALA A 256 10.55 21.33 -21.91
N ARG A 257 11.64 20.67 -22.30
CA ARG A 257 12.83 21.38 -22.72
C ARG A 257 12.60 22.14 -24.02
N GLU A 258 11.91 21.51 -24.96
CA GLU A 258 11.63 22.13 -26.25
C GLU A 258 10.73 23.35 -26.05
N PHE A 259 9.74 23.22 -25.18
CA PHE A 259 8.84 24.31 -24.84
C PHE A 259 9.61 25.44 -24.15
N ALA A 260 10.63 25.07 -23.39
CA ALA A 260 11.49 26.01 -22.66
C ALA A 260 10.66 26.99 -21.84
N PRO A 261 10.06 26.50 -20.74
CA PRO A 261 9.21 27.37 -19.91
C PRO A 261 10.03 28.39 -19.14
N GLU A 262 9.36 29.42 -18.65
CA GLU A 262 10.01 30.45 -17.84
C GLU A 262 9.50 30.37 -16.42
N LEU A 263 8.52 29.50 -16.22
CA LEU A 263 7.94 29.25 -14.91
C LEU A 263 7.25 27.89 -14.91
N VAL A 264 7.63 27.03 -13.96
CA VAL A 264 7.03 25.72 -13.86
C VAL A 264 6.10 25.64 -12.65
N LEU A 265 4.81 25.41 -12.92
CA LEU A 265 3.84 25.19 -11.86
C LEU A 265 3.50 23.70 -11.78
N VAL A 266 3.56 23.14 -10.58
CA VAL A 266 3.26 21.73 -10.41
C VAL A 266 1.95 21.52 -9.66
N SER A 267 0.96 20.99 -10.37
CA SER A 267 -0.26 20.53 -9.71
C SER A 267 0.09 19.25 -8.97
N ALA A 268 0.51 19.40 -7.72
CA ALA A 268 1.08 18.29 -6.96
C ALA A 268 0.05 17.63 -6.05
N GLY A 269 -0.76 16.76 -6.63
CA GLY A 269 -1.56 15.85 -5.84
C GLY A 269 -0.67 14.69 -5.45
N PHE A 270 -0.92 14.10 -4.29
CA PHE A 270 -0.12 12.95 -3.86
C PHE A 270 -1.02 11.76 -3.59
N ASP A 271 -1.99 11.57 -4.47
CA ASP A 271 -2.89 10.41 -4.40
C ASP A 271 -2.40 9.29 -5.31
N ALA A 272 -1.37 9.57 -6.09
CA ALA A 272 -0.69 8.53 -6.85
C ALA A 272 0.39 7.88 -5.99
N ALA A 273 0.40 8.26 -4.72
CA ALA A 273 1.42 7.82 -3.78
C ALA A 273 1.11 6.44 -3.23
N ARG A 274 2.16 5.75 -2.78
CA ARG A 274 2.02 4.46 -2.12
C ARG A 274 1.32 4.63 -0.79
N GLY A 275 0.13 4.04 -0.66
CA GLY A 275 -0.62 4.11 0.58
C GLY A 275 -1.89 4.95 0.49
N ASP A 276 -2.14 5.54 -0.67
CA ASP A 276 -3.34 6.35 -0.86
C ASP A 276 -4.55 5.45 -1.14
N PRO A 277 -5.65 5.68 -0.41
CA PRO A 277 -6.84 4.84 -0.51
C PRO A 277 -7.62 5.05 -1.80
N LEU A 278 -7.40 6.19 -2.47
CA LEU A 278 -8.17 6.55 -3.65
C LEU A 278 -7.43 6.23 -4.95
N GLY A 279 -6.18 6.67 -5.05
CA GLY A 279 -5.41 6.53 -6.27
C GLY A 279 -5.14 5.10 -6.70
N GLY A 280 -4.62 4.29 -5.79
CA GLY A 280 -4.34 2.90 -6.09
C GLY A 280 -2.99 2.70 -6.76
N PHE A 281 -2.14 3.72 -6.72
CA PHE A 281 -0.80 3.64 -7.28
C PHE A 281 0.22 3.49 -6.16
N GLN A 282 1.50 3.49 -6.50
CA GLN A 282 2.55 3.26 -5.51
C GLN A 282 3.80 4.10 -5.72
N VAL A 283 3.64 5.35 -6.13
CA VAL A 283 4.77 6.26 -6.25
C VAL A 283 5.32 6.56 -4.86
N THR A 284 6.61 6.38 -4.69
CA THR A 284 7.26 6.52 -3.39
C THR A 284 7.68 7.96 -3.15
N PRO A 285 8.00 8.30 -1.88
CA PRO A 285 8.55 9.64 -1.61
C PRO A 285 9.84 9.90 -2.38
N GLU A 286 10.65 8.86 -2.55
CA GLU A 286 11.88 8.96 -3.34
C GLU A 286 11.55 9.24 -4.79
N GLY A 287 10.43 8.68 -5.25
CA GLY A 287 9.97 8.89 -6.62
C GLY A 287 9.58 10.33 -6.88
N TYR A 288 8.80 10.91 -5.97
CA TYR A 288 8.39 12.31 -6.08
C TYR A 288 9.59 13.24 -6.01
N ALA A 289 10.61 12.82 -5.26
CA ALA A 289 11.83 13.61 -5.13
C ALA A 289 12.54 13.72 -6.47
N HIS A 290 12.61 12.61 -7.20
CA HIS A 290 13.29 12.60 -8.49
C HIS A 290 12.46 13.30 -9.57
N LEU A 291 11.15 13.24 -9.45
CA LEU A 291 10.26 13.97 -10.35
C LEU A 291 10.50 15.46 -10.16
N THR A 292 10.55 15.86 -8.89
CA THR A 292 10.80 17.25 -8.53
C THR A 292 12.16 17.71 -9.04
N HIS A 293 13.18 16.87 -8.83
CA HIS A 293 14.55 17.21 -9.20
C HIS A 293 14.68 17.43 -10.71
N GLN A 294 14.01 16.59 -11.48
CA GLN A 294 14.04 16.71 -12.93
C GLN A 294 13.40 18.02 -13.39
N LEU A 295 12.27 18.37 -12.79
CA LEU A 295 11.59 19.62 -13.13
C LEU A 295 12.42 20.84 -12.73
N MET A 296 13.30 20.67 -11.75
CA MET A 296 14.13 21.78 -11.27
C MET A 296 15.17 22.22 -12.29
N SER A 297 15.40 21.41 -13.32
CA SER A 297 16.36 21.76 -14.35
C SER A 297 15.74 22.70 -15.38
N LEU A 298 14.43 22.90 -15.28
CA LEU A 298 13.71 23.76 -16.21
C LEU A 298 13.52 25.18 -15.67
N ALA A 299 13.37 26.13 -16.58
CA ALA A 299 13.06 27.52 -16.26
C ALA A 299 13.98 28.12 -15.20
N ALA A 300 15.26 27.76 -15.26
CA ALA A 300 16.27 28.24 -14.32
C ALA A 300 15.89 27.93 -12.87
N GLY A 301 15.16 26.83 -12.66
CA GLY A 301 14.79 26.40 -11.33
C GLY A 301 13.54 27.05 -10.77
N ARG A 302 12.92 27.93 -11.55
CA ARG A 302 11.70 28.62 -11.14
C ARG A 302 10.52 27.65 -11.06
N VAL A 303 10.42 26.92 -9.95
CA VAL A 303 9.40 25.90 -9.79
C VAL A 303 8.50 26.17 -8.58
N LEU A 304 7.19 26.10 -8.79
CA LEU A 304 6.23 26.24 -7.70
C LEU A 304 5.41 24.96 -7.54
N ILE A 305 5.50 24.35 -6.37
CA ILE A 305 4.81 23.09 -6.11
C ILE A 305 3.51 23.33 -5.34
N ILE A 306 2.38 23.17 -6.04
CA ILE A 306 1.07 23.43 -5.46
C ILE A 306 0.33 22.14 -5.11
N LEU A 307 -0.07 22.02 -3.85
CA LEU A 307 -0.80 20.84 -3.40
C LEU A 307 -2.18 20.71 -4.04
N GLU A 308 -2.49 19.52 -4.51
CA GLU A 308 -3.81 19.20 -5.03
C GLU A 308 -4.47 18.13 -4.18
N GLY A 309 -4.50 16.90 -4.69
CA GLY A 309 -5.07 15.78 -3.96
C GLY A 309 -4.07 15.07 -3.08
N GLY A 310 -4.45 13.91 -2.57
CA GLY A 310 -3.63 13.14 -1.64
C GLY A 310 -4.36 12.98 -0.33
N TYR A 311 -4.62 11.73 0.05
CA TYR A 311 -5.56 11.46 1.15
C TYR A 311 -5.05 10.47 2.19
N ASN A 312 -3.80 10.06 2.05
CA ASN A 312 -3.11 9.35 3.12
C ASN A 312 -2.21 10.34 3.84
N LEU A 313 -2.58 10.70 5.06
CA LEU A 313 -1.92 11.79 5.79
C LEU A 313 -0.42 11.57 5.98
N THR A 314 -0.02 10.31 6.11
CA THR A 314 1.40 9.98 6.25
C THR A 314 2.10 10.00 4.89
N SER A 315 1.42 9.49 3.86
CA SER A 315 1.99 9.42 2.52
CA SER A 315 2.00 9.42 2.52
C SER A 315 2.20 10.81 1.92
N ILE A 316 1.22 11.69 2.08
CA ILE A 316 1.30 13.02 1.50
C ILE A 316 2.23 13.94 2.30
N SER A 317 2.40 13.65 3.57
CA SER A 317 3.32 14.42 4.41
C SER A 317 4.76 14.09 4.04
N GLU A 318 5.02 12.80 3.87
CA GLU A 318 6.36 12.33 3.55
C GLU A 318 6.74 12.69 2.12
N SER A 319 5.77 12.66 1.21
CA SER A 319 6.03 12.89 -0.21
C SER A 319 6.30 14.36 -0.52
N MET A 320 5.43 15.24 -0.05
CA MET A 320 5.59 16.67 -0.33
C MET A 320 6.84 17.22 0.35
N SER A 321 7.16 16.67 1.51
CA SER A 321 8.37 17.07 2.23
CA SER A 321 8.37 17.07 2.23
C SER A 321 9.61 16.76 1.40
N MET A 322 9.59 15.59 0.74
CA MET A 322 10.68 15.18 -0.13
C MET A 322 10.89 16.17 -1.26
N CYS A 323 9.79 16.66 -1.82
CA CYS A 323 9.83 17.64 -2.90
C CYS A 323 10.49 18.93 -2.42
N THR A 324 10.09 19.38 -1.23
CA THR A 324 10.67 20.59 -0.65
C THR A 324 12.16 20.41 -0.40
N SER A 325 12.54 19.22 0.04
CA SER A 325 13.93 18.87 0.28
C SER A 325 14.73 19.03 -1.01
N MET A 326 14.17 18.58 -2.12
CA MET A 326 14.81 18.72 -3.42
C MET A 326 14.94 20.19 -3.82
N LEU A 327 13.87 20.94 -3.62
CA LEU A 327 13.86 22.38 -3.92
C LEU A 327 14.94 23.11 -3.11
N LEU A 328 15.19 22.61 -1.90
CA LEU A 328 16.21 23.18 -1.03
C LEU A 328 17.62 22.86 -1.51
N GLY A 329 17.71 22.04 -2.55
CA GLY A 329 18.99 21.69 -3.14
C GLY A 329 19.60 20.42 -2.58
N ASP A 330 18.87 19.72 -1.72
CA ASP A 330 19.37 18.49 -1.12
C ASP A 330 19.57 17.42 -2.17
N SER A 331 20.48 16.50 -1.89
CA SER A 331 20.77 15.40 -2.82
CA SER A 331 20.76 15.40 -2.82
C SER A 331 19.59 14.45 -2.93
N PRO A 332 19.26 14.03 -4.15
CA PRO A 332 18.16 13.08 -4.34
C PRO A 332 18.47 11.74 -3.68
N PRO A 333 17.48 11.13 -3.02
CA PRO A 333 17.71 9.82 -2.40
C PRO A 333 17.90 8.75 -3.46
N SER A 334 18.32 7.56 -3.05
CA SER A 334 18.52 6.47 -3.98
C SER A 334 17.17 5.95 -4.49
N LEU A 335 17.07 5.77 -5.79
CA LEU A 335 15.85 5.20 -6.36
C LEU A 335 16.11 3.80 -6.91
N ASP A 336 15.23 2.87 -6.59
CA ASP A 336 15.41 1.47 -6.96
C ASP A 336 14.27 0.93 -7.81
N HIS A 337 14.45 -0.32 -8.25
CA HIS A 337 13.39 -1.13 -8.87
C HIS A 337 12.58 -0.35 -9.90
N LEU A 338 13.32 0.31 -10.80
CA LEU A 338 12.75 1.12 -11.85
C LEU A 338 12.54 0.26 -13.09
N THR A 339 13.00 -0.97 -12.99
CA THR A 339 12.74 -1.97 -14.01
C THR A 339 12.15 -3.21 -13.36
N PRO A 340 11.16 -3.85 -14.02
CA PRO A 340 10.60 -3.45 -15.31
C PRO A 340 9.30 -2.66 -15.20
N LEU A 341 8.78 -2.15 -16.31
CA LEU A 341 7.50 -1.45 -16.28
C LEU A 341 6.38 -2.45 -16.53
N LYS A 342 5.17 -2.08 -16.11
CA LYS A 342 3.97 -2.77 -16.58
C LYS A 342 3.95 -2.55 -18.09
N THR A 343 3.51 -3.56 -18.83
CA THR A 343 3.51 -3.48 -20.29
C THR A 343 2.59 -2.35 -20.78
N SER A 344 1.45 -2.20 -20.13
CA SER A 344 0.47 -1.20 -20.55
C SER A 344 0.98 0.23 -20.37
N ALA A 345 1.96 0.40 -19.48
CA ALA A 345 2.57 1.71 -19.28
C ALA A 345 3.42 2.09 -20.48
N THR A 346 4.21 1.14 -20.96
CA THR A 346 5.01 1.34 -22.17
C THR A 346 4.09 1.66 -23.35
N VAL A 347 2.97 0.95 -23.41
CA VAL A 347 1.98 1.16 -24.47
C VAL A 347 1.37 2.56 -24.36
N SER A 348 1.07 2.99 -23.14
CA SER A 348 0.51 4.32 -22.90
C SER A 348 1.48 5.41 -23.36
N ILE A 349 2.73 5.29 -22.95
CA ILE A 349 3.77 6.22 -23.35
C ILE A 349 3.91 6.25 -24.87
N ASN A 350 3.82 5.08 -25.49
CA ASN A 350 3.93 4.98 -26.94
C ASN A 350 2.77 5.67 -27.68
N ASN A 351 1.58 5.61 -27.10
CA ASN A 351 0.42 6.30 -27.67
C ASN A 351 0.56 7.81 -27.60
N VAL A 352 1.12 8.31 -26.50
CA VAL A 352 1.33 9.74 -26.33
C VAL A 352 2.41 10.24 -27.29
N LEU A 353 3.51 9.50 -27.37
CA LEU A 353 4.60 9.81 -28.29
C LEU A 353 4.08 9.93 -29.72
N ARG A 354 3.28 8.94 -30.12
CA ARG A 354 2.69 8.93 -31.45
C ARG A 354 1.80 10.15 -31.70
N ALA A 355 1.10 10.58 -30.64
CA ALA A 355 0.15 11.68 -30.75
C ALA A 355 0.84 13.04 -30.83
N HIS A 356 1.93 13.20 -30.07
CA HIS A 356 2.61 14.49 -30.00
C HIS A 356 3.88 14.56 -30.83
N ALA A 357 4.19 13.46 -31.52
CA ALA A 357 5.31 13.45 -32.48
C ALA A 357 5.19 14.54 -33.56
N PRO A 358 3.99 14.81 -34.08
CA PRO A 358 3.92 15.89 -35.08
C PRO A 358 4.24 17.28 -34.54
N PHE A 359 4.11 17.48 -33.24
CA PHE A 359 4.25 18.82 -32.66
C PHE A 359 5.59 19.04 -31.96
N TRP A 360 6.26 17.95 -31.60
CA TRP A 360 7.52 18.07 -30.87
C TRP A 360 8.62 17.25 -31.52
N SER A 361 9.59 17.94 -32.12
CA SER A 361 10.69 17.30 -32.82
C SER A 361 11.60 16.55 -31.87
N SER A 362 11.60 16.95 -30.60
CA SER A 362 12.46 16.33 -29.59
C SER A 362 12.03 14.89 -29.30
N LEU A 363 10.86 14.50 -29.80
CA LEU A 363 10.35 13.16 -29.60
C LEU A 363 10.85 12.19 -30.67
N ARG A 364 11.25 12.72 -31.82
CA ARG A 364 11.79 11.89 -32.89
C ARG A 364 12.99 12.55 -33.57
N PRO B 8 22.60 -8.64 13.12
CA PRO B 8 21.78 -9.86 13.08
C PRO B 8 20.73 -9.88 14.18
N ILE B 9 19.70 -9.06 14.02
CA ILE B 9 18.69 -8.88 15.06
C ILE B 9 17.42 -9.69 14.80
N THR B 10 16.89 -10.31 15.86
CA THR B 10 15.65 -11.09 15.77
C THR B 10 14.52 -10.41 16.54
N GLY B 11 13.41 -10.16 15.86
CA GLY B 11 12.26 -9.54 16.50
C GLY B 11 11.33 -10.56 17.11
N LEU B 12 10.57 -10.12 18.12
CA LEU B 12 9.57 -10.97 18.73
C LEU B 12 8.37 -10.12 19.14
N VAL B 13 7.18 -10.55 18.73
CA VAL B 13 5.98 -9.86 19.15
C VAL B 13 5.04 -10.80 19.90
N TYR B 14 4.56 -10.32 21.06
CA TYR B 14 3.59 -11.06 21.85
C TYR B 14 2.78 -10.08 22.69
N ASP B 15 1.48 -10.31 22.74
CA ASP B 15 0.60 -9.50 23.57
C ASP B 15 -0.41 -10.41 24.26
N GLN B 16 -0.49 -10.28 25.58
CA GLN B 16 -1.39 -11.11 26.38
C GLN B 16 -2.85 -10.83 26.07
N ARG B 17 -3.12 -9.68 25.44
CA ARG B 17 -4.47 -9.30 25.06
C ARG B 17 -5.09 -10.31 24.09
N MET B 18 -4.24 -11.03 23.37
CA MET B 18 -4.73 -12.02 22.41
C MET B 18 -5.23 -13.29 23.09
N MET B 19 -5.15 -13.33 24.42
CA MET B 19 -5.67 -14.45 25.19
C MET B 19 -7.17 -14.30 25.45
N LEU B 20 -7.68 -13.09 25.32
CA LEU B 20 -9.06 -12.78 25.66
C LEU B 20 -10.06 -13.57 24.80
N HIS B 21 -9.64 -13.90 23.58
CA HIS B 21 -10.43 -14.74 22.70
C HIS B 21 -10.60 -16.13 23.30
N HIS B 22 -11.84 -16.55 23.54
CA HIS B 22 -12.09 -17.82 24.21
C HIS B 22 -13.42 -18.46 23.80
N ASN B 23 -13.58 -19.73 24.15
CA ASN B 23 -14.79 -20.48 23.85
C ASN B 23 -15.72 -20.55 25.06
N MET B 24 -16.82 -19.81 24.99
CA MET B 24 -17.76 -19.71 26.11
C MET B 24 -18.50 -21.01 26.38
N TRP B 25 -18.65 -21.84 25.36
CA TRP B 25 -19.48 -23.03 25.46
C TRP B 25 -18.65 -24.30 25.64
N ASP B 26 -17.33 -24.16 25.58
CA ASP B 26 -16.41 -25.26 25.82
C ASP B 26 -15.02 -24.74 26.10
N SER B 27 -14.70 -24.58 27.39
CA SER B 27 -13.41 -24.03 27.80
C SER B 27 -12.26 -25.02 27.58
N HIS B 28 -12.59 -26.23 27.14
CA HIS B 28 -11.58 -27.24 26.87
C HIS B 28 -11.30 -27.39 25.37
N HIS B 29 -11.82 -26.44 24.59
CA HIS B 29 -11.52 -26.38 23.15
C HIS B 29 -10.02 -26.19 22.96
N PRO B 30 -9.40 -27.04 22.12
CA PRO B 30 -7.94 -27.11 21.93
C PRO B 30 -7.27 -25.78 21.59
N GLU B 31 -7.97 -24.90 20.89
CA GLU B 31 -7.43 -23.57 20.58
C GLU B 31 -7.48 -22.70 21.84
N LEU B 32 -6.65 -23.03 22.81
CA LEU B 32 -6.68 -22.40 24.13
C LEU B 32 -5.96 -21.06 24.17
N PRO B 33 -6.43 -20.16 25.05
CA PRO B 33 -5.74 -18.89 25.29
C PRO B 33 -4.32 -19.09 25.83
N GLN B 34 -4.08 -20.21 26.50
CA GLN B 34 -2.77 -20.49 27.09
C GLN B 34 -1.73 -20.86 26.04
N ARG B 35 -2.18 -21.10 24.81
CA ARG B 35 -1.28 -21.50 23.72
C ARG B 35 -0.16 -20.48 23.54
N ILE B 36 -0.50 -19.20 23.53
CA ILE B 36 0.50 -18.15 23.30
C ILE B 36 1.28 -17.79 24.56
N SER B 37 0.63 -17.92 25.72
CA SER B 37 1.29 -17.58 26.97
C SER B 37 2.31 -18.66 27.36
N ARG B 38 1.98 -19.90 27.03
CA ARG B 38 2.89 -21.01 27.30
C ARG B 38 4.14 -20.91 26.43
N ILE B 39 3.96 -20.51 25.18
CA ILE B 39 5.08 -20.33 24.26
C ILE B 39 5.95 -19.14 24.69
N PHE B 40 5.29 -18.07 25.12
CA PHE B 40 6.00 -16.87 25.54
C PHE B 40 6.85 -17.13 26.78
N SER B 41 6.23 -17.72 27.80
CA SER B 41 6.93 -18.05 29.03
CA SER B 41 6.92 -18.05 29.04
C SER B 41 8.11 -18.97 28.77
N ARG B 42 7.95 -19.88 27.80
CA ARG B 42 8.99 -20.84 27.46
C ARG B 42 10.20 -20.15 26.83
N HIS B 43 9.93 -19.13 26.04
CA HIS B 43 10.99 -18.31 25.47
C HIS B 43 11.80 -17.63 26.58
N GLU B 44 11.10 -17.13 27.60
CA GLU B 44 11.75 -16.44 28.72
C GLU B 44 12.50 -17.45 29.59
N GLU B 45 11.91 -18.62 29.81
CA GLU B 45 12.55 -19.68 30.57
C GLU B 45 13.84 -20.18 29.90
N LEU B 46 13.85 -20.15 28.58
CA LEU B 46 15.02 -20.59 27.83
C LEU B 46 15.97 -19.44 27.54
N ARG B 47 15.76 -18.31 28.21
CA ARG B 47 16.60 -17.13 28.06
C ARG B 47 16.72 -16.69 26.60
N LEU B 48 15.62 -16.76 25.85
CA LEU B 48 15.61 -16.39 24.45
C LEU B 48 14.95 -15.04 24.22
N LEU B 49 14.07 -14.64 25.14
CA LEU B 49 13.33 -13.40 25.02
C LEU B 49 14.26 -12.18 25.08
N SER B 50 15.20 -12.21 26.01
CA SER B 50 16.13 -11.09 26.21
C SER B 50 17.10 -10.93 25.04
N ARG B 51 17.21 -11.98 24.21
CA ARG B 51 18.10 -11.93 23.06
C ARG B 51 17.38 -11.35 21.84
N CYS B 52 16.06 -11.19 21.95
CA CYS B 52 15.26 -10.67 20.85
C CYS B 52 14.96 -9.18 21.01
N HIS B 53 14.63 -8.53 19.90
CA HIS B 53 14.14 -7.17 19.92
C HIS B 53 12.62 -7.19 20.02
N ARG B 54 12.08 -6.61 21.07
CA ARG B 54 10.64 -6.67 21.32
C ARG B 54 9.86 -5.74 20.39
N ILE B 55 9.07 -6.34 19.52
CA ILE B 55 8.22 -5.59 18.59
C ILE B 55 6.82 -5.47 19.18
N PRO B 56 6.28 -4.24 19.22
CA PRO B 56 4.98 -4.02 19.84
C PRO B 56 3.82 -4.53 18.99
N ALA B 57 2.77 -5.01 19.65
CA ALA B 57 1.57 -5.44 18.96
C ALA B 57 0.69 -4.22 18.65
N ARG B 58 -0.12 -4.32 17.61
CA ARG B 58 -1.08 -3.25 17.31
C ARG B 58 -2.29 -3.80 16.58
N LEU B 59 -3.36 -3.01 16.58
CA LEU B 59 -4.57 -3.36 15.84
C LEU B 59 -4.33 -3.22 14.34
N ALA B 60 -4.89 -4.13 13.57
CA ALA B 60 -4.95 -3.95 12.12
C ALA B 60 -6.13 -3.03 11.84
N THR B 61 -6.01 -2.20 10.81
CA THR B 61 -7.12 -1.32 10.44
C THR B 61 -8.06 -2.07 9.51
N GLU B 62 -9.26 -1.53 9.32
CA GLU B 62 -10.22 -2.14 8.42
C GLU B 62 -9.73 -2.01 6.98
N GLU B 63 -9.01 -0.93 6.70
CA GLU B 63 -8.41 -0.73 5.38
C GLU B 63 -7.37 -1.80 5.11
N GLU B 64 -6.62 -2.17 6.14
CA GLU B 64 -5.62 -3.22 6.02
C GLU B 64 -6.26 -4.60 5.88
N LEU B 65 -7.43 -4.79 6.47
CA LEU B 65 -8.15 -6.05 6.35
C LEU B 65 -8.69 -6.21 4.93
N ALA B 66 -8.96 -5.09 4.28
CA ALA B 66 -9.53 -5.10 2.94
C ALA B 66 -8.50 -5.52 1.88
N LEU B 67 -7.26 -5.73 2.32
CA LEU B 67 -6.21 -6.22 1.44
C LEU B 67 -6.53 -7.61 0.92
N CYS B 68 -7.26 -8.39 1.73
CA CYS B 68 -7.58 -9.76 1.37
C CYS B 68 -9.05 -10.08 1.60
N HIS B 69 -9.70 -9.33 2.48
CA HIS B 69 -11.07 -9.64 2.88
C HIS B 69 -12.11 -8.65 2.39
N SER B 70 -13.33 -9.13 2.20
CA SER B 70 -14.43 -8.30 1.72
C SER B 70 -15.02 -7.44 2.83
N SER B 71 -15.63 -6.33 2.43
CA SER B 71 -16.28 -5.42 3.38
C SER B 71 -17.34 -6.13 4.20
N LYS B 72 -18.06 -7.04 3.55
CA LYS B 72 -19.12 -7.80 4.19
C LYS B 72 -18.58 -8.65 5.34
N HIS B 73 -17.55 -9.43 5.05
CA HIS B 73 -16.94 -10.31 6.05
C HIS B 73 -16.33 -9.52 7.20
N ILE B 74 -15.68 -8.41 6.87
CA ILE B 74 -15.07 -7.54 7.88
C ILE B 74 -16.13 -6.98 8.81
N SER B 75 -17.22 -6.47 8.23
CA SER B 75 -18.30 -5.86 8.99
C SER B 75 -18.98 -6.87 9.92
N ILE B 76 -19.23 -8.07 9.41
CA ILE B 76 -19.91 -9.11 10.18
C ILE B 76 -19.12 -9.53 11.41
N ILE B 77 -17.85 -9.88 11.21
CA ILE B 77 -16.97 -10.27 12.32
C ILE B 77 -16.82 -9.11 13.29
N LYS B 78 -16.74 -7.90 12.77
CA LYS B 78 -16.64 -6.70 13.59
C LYS B 78 -17.86 -6.53 14.50
N SER B 79 -19.01 -6.93 14.00
CA SER B 79 -20.28 -6.78 14.73
C SER B 79 -20.34 -7.67 15.96
N SER B 80 -19.51 -8.70 16.00
CA SER B 80 -19.56 -9.68 17.08
C SER B 80 -19.05 -9.13 18.41
N GLU B 81 -18.32 -8.02 18.34
CA GLU B 81 -17.70 -7.42 19.53
C GLU B 81 -18.75 -7.00 20.56
N HIS B 82 -19.96 -6.68 20.08
CA HIS B 82 -21.02 -6.22 20.97
C HIS B 82 -22.25 -7.12 20.87
N MET B 83 -22.04 -8.42 20.75
CA MET B 83 -23.15 -9.36 20.67
C MET B 83 -23.40 -10.07 22.00
N LYS B 84 -24.68 -10.32 22.28
CA LYS B 84 -25.07 -11.15 23.41
C LYS B 84 -24.74 -12.59 23.09
N PRO B 85 -24.42 -13.40 24.12
CA PRO B 85 -24.04 -14.81 23.98
C PRO B 85 -24.88 -15.63 23.00
N ARG B 86 -26.18 -15.36 22.93
CA ARG B 86 -27.04 -16.07 21.99
C ARG B 86 -26.63 -15.77 20.55
N ASP B 87 -26.38 -14.49 20.26
CA ASP B 87 -26.02 -14.07 18.91
C ASP B 87 -24.61 -14.51 18.51
N LEU B 88 -23.71 -14.52 19.48
CA LEU B 88 -22.36 -15.02 19.26
C LEU B 88 -22.42 -16.50 18.86
N ASN B 89 -23.38 -17.22 19.43
CA ASN B 89 -23.57 -18.63 19.13
C ASN B 89 -24.10 -18.84 17.71
N ARG B 90 -25.14 -18.09 17.36
CA ARG B 90 -25.73 -18.14 16.02
C ARG B 90 -24.70 -17.82 14.93
N LEU B 91 -24.00 -16.70 15.11
CA LEU B 91 -22.96 -16.23 14.19
C LEU B 91 -21.85 -17.25 14.04
N GLY B 92 -21.45 -17.85 15.16
CA GLY B 92 -20.42 -18.87 15.15
C GLY B 92 -20.81 -20.09 14.33
N ASP B 93 -22.10 -20.43 14.37
CA ASP B 93 -22.60 -21.62 13.67
C ASP B 93 -22.81 -21.38 12.17
N GLU B 94 -22.53 -20.16 11.72
CA GLU B 94 -22.66 -19.84 10.30
C GLU B 94 -21.35 -20.12 9.57
N TYR B 95 -20.34 -20.55 10.32
CA TYR B 95 -19.04 -20.88 9.75
C TYR B 95 -18.65 -22.32 10.09
N ASN B 96 -17.61 -22.80 9.43
CA ASN B 96 -17.06 -24.12 9.72
C ASN B 96 -16.05 -24.05 10.86
N SER B 97 -16.35 -24.74 11.96
CA SER B 97 -15.44 -24.84 13.10
C SER B 97 -14.99 -23.48 13.61
N ILE B 98 -15.94 -22.68 14.06
CA ILE B 98 -15.66 -21.34 14.56
C ILE B 98 -16.44 -21.06 15.85
N PHE B 99 -15.72 -20.68 16.90
CA PHE B 99 -16.35 -20.15 18.10
C PHE B 99 -16.01 -18.68 18.23
N ILE B 100 -16.96 -17.87 18.69
CA ILE B 100 -16.77 -16.44 18.78
C ILE B 100 -17.13 -15.91 20.17
N SER B 101 -16.31 -14.98 20.67
CA SER B 101 -16.65 -14.23 21.87
C SER B 101 -16.46 -12.74 21.59
N ASN B 102 -16.83 -11.91 22.56
CA ASN B 102 -16.79 -10.45 22.37
C ASN B 102 -15.40 -9.90 22.08
N GLU B 103 -14.37 -10.61 22.54
CA GLU B 103 -13.00 -10.17 22.37
C GLU B 103 -12.35 -10.74 21.10
N SER B 104 -13.05 -11.69 20.46
CA SER B 104 -12.49 -12.39 19.31
C SER B 104 -12.03 -11.46 18.20
N TYR B 105 -12.88 -10.51 17.83
CA TYR B 105 -12.59 -9.60 16.73
C TYR B 105 -11.33 -8.78 16.98
N THR B 106 -11.21 -8.24 18.18
CA THR B 106 -10.04 -7.44 18.56
C THR B 106 -8.76 -8.28 18.53
N CYS B 107 -8.85 -9.52 19.03
CA CYS B 107 -7.69 -10.41 19.06
C CYS B 107 -7.22 -10.76 17.65
N ALA B 108 -8.17 -10.91 16.73
CA ALA B 108 -7.84 -11.18 15.34
C ALA B 108 -7.10 -10.00 14.72
N LEU B 109 -7.47 -8.79 15.17
CA LEU B 109 -6.81 -7.57 14.70
C LEU B 109 -5.40 -7.45 15.26
N LEU B 110 -5.23 -7.85 16.51
CA LEU B 110 -3.91 -7.80 17.16
C LEU B 110 -2.95 -8.80 16.55
N ALA B 111 -3.46 -9.98 16.19
CA ALA B 111 -2.63 -10.99 15.55
C ALA B 111 -2.12 -10.49 14.21
N ALA B 112 -3.00 -9.87 13.44
CA ALA B 112 -2.64 -9.36 12.11
C ALA B 112 -1.72 -8.14 12.21
N GLY B 113 -2.09 -7.19 13.06
CA GLY B 113 -1.31 -5.97 13.21
C GLY B 113 0.09 -6.23 13.73
N SER B 114 0.22 -7.23 14.59
CA SER B 114 1.52 -7.61 15.14
C SER B 114 2.46 -8.08 14.03
N CYS B 115 1.91 -8.87 13.11
CA CYS B 115 2.69 -9.37 11.99
C CYS B 115 3.00 -8.26 11.00
N PHE B 116 2.08 -7.30 10.88
CA PHE B 116 2.31 -6.12 10.04
C PHE B 116 3.53 -5.36 10.55
N ASN B 117 3.54 -5.10 11.86
CA ASN B 117 4.67 -4.45 12.50
C ASN B 117 5.95 -5.26 12.34
N SER B 118 5.84 -6.58 12.50
CA SER B 118 6.98 -7.46 12.36
C SER B 118 7.52 -7.43 10.93
N ALA B 119 6.61 -7.43 9.96
CA ALA B 119 7.00 -7.36 8.56
C ALA B 119 7.67 -6.03 8.25
N GLN B 120 7.13 -4.96 8.82
CA GLN B 120 7.66 -3.61 8.60
C GLN B 120 9.08 -3.48 9.15
N ALA B 121 9.32 -4.05 10.33
CA ALA B 121 10.63 -3.98 10.97
C ALA B 121 11.68 -4.73 10.14
N ILE B 122 11.26 -5.83 9.53
CA ILE B 122 12.14 -6.64 8.71
C ILE B 122 12.51 -5.90 7.42
N LEU B 123 11.51 -5.28 6.79
CA LEU B 123 11.70 -4.63 5.50
C LEU B 123 12.40 -3.28 5.61
N THR B 124 12.44 -2.70 6.80
CA THR B 124 13.09 -1.41 7.00
C THR B 124 14.48 -1.56 7.60
N GLY B 125 14.87 -2.79 7.90
CA GLY B 125 16.21 -3.07 8.39
C GLY B 125 16.35 -3.03 9.90
N GLN B 126 15.22 -2.92 10.60
CA GLN B 126 15.24 -2.89 12.07
C GLN B 126 15.66 -4.24 12.63
N VAL B 127 15.10 -5.31 12.06
CA VAL B 127 15.48 -6.66 12.44
C VAL B 127 15.76 -7.50 11.20
N ARG B 128 16.46 -8.61 11.39
CA ARG B 128 16.73 -9.53 10.29
C ARG B 128 15.53 -10.46 10.08
N ASN B 129 15.16 -11.17 11.14
CA ASN B 129 14.00 -12.04 11.14
C ASN B 129 13.13 -11.76 12.36
N ALA B 130 12.02 -12.48 12.50
CA ALA B 130 11.11 -12.24 13.60
C ALA B 130 10.15 -13.40 13.85
N VAL B 131 9.66 -13.50 15.08
CA VAL B 131 8.65 -14.49 15.44
C VAL B 131 7.39 -13.80 15.97
N ALA B 132 6.23 -14.34 15.61
CA ALA B 132 4.96 -13.77 16.04
C ALA B 132 4.11 -14.77 16.80
N ILE B 133 4.13 -14.68 18.12
CA ILE B 133 3.31 -15.55 18.96
C ILE B 133 1.90 -14.98 19.07
N VAL B 134 1.04 -15.36 18.14
CA VAL B 134 -0.28 -14.75 18.02
C VAL B 134 -1.42 -15.77 17.95
N ARG B 135 -2.62 -15.31 18.29
CA ARG B 135 -3.84 -16.08 18.13
C ARG B 135 -5.02 -15.11 18.02
N PRO B 136 -6.11 -15.53 17.38
CA PRO B 136 -6.39 -16.80 16.71
C PRO B 136 -5.61 -16.97 15.41
N PRO B 137 -5.46 -18.21 14.90
CA PRO B 137 -4.77 -18.48 13.64
C PRO B 137 -5.48 -17.86 12.44
N GLY B 138 -4.92 -18.02 11.24
CA GLY B 138 -5.46 -17.33 10.08
C GLY B 138 -5.59 -18.06 8.74
N HIS B 139 -4.74 -19.05 8.49
CA HIS B 139 -4.60 -19.60 7.14
C HIS B 139 -5.84 -20.32 6.59
N HIS B 140 -6.84 -20.55 7.44
CA HIS B 140 -8.09 -21.15 6.97
C HIS B 140 -9.11 -20.09 6.54
N ALA B 141 -8.89 -18.86 7.00
CA ALA B 141 -9.82 -17.77 6.70
C ALA B 141 -9.78 -17.36 5.23
N GLU B 142 -10.95 -17.31 4.61
CA GLU B 142 -11.06 -16.94 3.21
C GLU B 142 -11.27 -15.44 3.04
N LYS B 143 -11.42 -15.02 1.79
CA LYS B 143 -11.73 -13.63 1.47
C LYS B 143 -13.08 -13.22 2.09
N ASP B 144 -14.04 -14.13 2.04
CA ASP B 144 -15.41 -13.80 2.45
C ASP B 144 -15.91 -14.55 3.68
N THR B 145 -15.09 -15.43 4.24
CA THR B 145 -15.58 -16.24 5.36
C THR B 145 -14.50 -16.62 6.37
N ALA B 146 -14.95 -16.94 7.58
CA ALA B 146 -14.08 -17.47 8.61
C ALA B 146 -14.21 -19.00 8.64
N CYS B 147 -13.15 -19.67 9.09
CA CYS B 147 -13.12 -21.12 9.08
C CYS B 147 -11.97 -21.66 9.91
N GLY B 148 -12.13 -22.87 10.45
CA GLY B 148 -11.07 -23.56 11.17
C GLY B 148 -10.33 -22.71 12.20
N PHE B 149 -11.09 -22.13 13.12
CA PHE B 149 -10.57 -21.32 14.24
C PHE B 149 -9.99 -19.99 13.77
N CYS B 150 -10.09 -19.71 12.47
CA CYS B 150 -9.49 -18.51 11.89
C CYS B 150 -10.55 -17.48 11.51
N PHE B 151 -10.22 -16.20 11.68
CA PHE B 151 -11.14 -15.12 11.32
C PHE B 151 -10.63 -14.32 10.11
N PHE B 152 -9.40 -13.83 10.20
CA PHE B 152 -8.77 -13.15 9.08
C PHE B 152 -7.44 -13.82 8.77
N ASN B 153 -7.08 -13.91 7.49
CA ASN B 153 -5.87 -14.62 7.09
C ASN B 153 -4.63 -13.79 7.37
N THR B 154 -4.08 -13.96 8.57
CA THR B 154 -2.97 -13.15 9.06
C THR B 154 -1.76 -13.19 8.12
N ALA B 155 -1.39 -14.38 7.67
CA ALA B 155 -0.23 -14.53 6.80
C ALA B 155 -0.47 -13.88 5.44
N ALA B 156 -1.64 -14.13 4.86
CA ALA B 156 -1.99 -13.56 3.56
C ALA B 156 -2.02 -12.04 3.63
N LEU B 157 -2.61 -11.51 4.70
CA LEU B 157 -2.66 -10.07 4.91
C LEU B 157 -1.26 -9.47 5.03
N THR B 158 -0.38 -10.17 5.76
CA THR B 158 0.98 -9.71 5.97
C THR B 158 1.75 -9.64 4.65
N ALA B 159 1.50 -10.61 3.77
CA ALA B 159 2.10 -10.61 2.44
C ALA B 159 1.68 -9.38 1.66
N ARG B 160 0.38 -9.09 1.66
CA ARG B 160 -0.15 -7.90 1.00
C ARG B 160 0.35 -6.62 1.65
N TYR B 161 0.39 -6.59 2.97
CA TYR B 161 0.91 -5.43 3.69
C TYR B 161 2.35 -5.14 3.30
N ALA B 162 3.17 -6.19 3.26
CA ALA B 162 4.57 -6.08 2.90
C ALA B 162 4.71 -5.47 1.51
N GLN B 163 3.78 -5.84 0.63
CA GLN B 163 3.76 -5.29 -0.72
C GLN B 163 3.25 -3.85 -0.73
N SER B 164 2.38 -3.52 0.21
CA SER B 164 1.76 -2.21 0.24
C SER B 164 2.69 -1.13 0.78
N ILE B 165 3.77 -1.54 1.43
CA ILE B 165 4.74 -0.58 1.98
C ILE B 165 6.06 -0.63 1.23
N THR B 166 6.13 -1.48 0.21
CA THR B 166 7.30 -1.56 -0.65
C THR B 166 6.87 -1.41 -2.10
N ARG B 167 6.53 -2.53 -2.74
CA ARG B 167 6.02 -2.51 -4.10
C ARG B 167 5.14 -3.74 -4.34
N GLU B 168 4.24 -3.64 -5.32
CA GLU B 168 3.26 -4.68 -5.59
C GLU B 168 3.92 -5.99 -6.03
N SER B 169 5.10 -5.88 -6.65
CA SER B 169 5.76 -7.04 -7.23
C SER B 169 6.75 -7.70 -6.28
N LEU B 170 6.74 -7.28 -5.02
CA LEU B 170 7.60 -7.88 -3.99
C LEU B 170 7.31 -9.38 -3.89
N ARG B 171 8.32 -10.19 -4.21
CA ARG B 171 8.15 -11.64 -4.21
C ARG B 171 8.17 -12.21 -2.79
N VAL B 172 7.02 -12.70 -2.35
CA VAL B 172 6.88 -13.24 -1.00
C VAL B 172 6.61 -14.74 -1.03
N LEU B 173 7.43 -15.50 -0.30
CA LEU B 173 7.21 -16.93 -0.17
C LEU B 173 6.47 -17.24 1.13
N ILE B 174 5.36 -17.95 1.02
CA ILE B 174 4.62 -18.41 2.20
C ILE B 174 4.75 -19.92 2.36
N VAL B 175 5.44 -20.33 3.40
CA VAL B 175 5.61 -21.76 3.70
C VAL B 175 4.67 -22.17 4.83
N ASP B 176 3.72 -23.03 4.49
CA ASP B 176 2.71 -23.47 5.44
C ASP B 176 3.03 -24.86 5.95
N TRP B 177 3.69 -24.97 7.11
CA TRP B 177 4.04 -26.29 7.64
C TRP B 177 3.07 -26.70 8.75
N ASP B 178 1.98 -25.97 8.87
CA ASP B 178 0.84 -26.39 9.69
C ASP B 178 0.36 -27.72 9.13
N VAL B 179 -0.12 -28.62 9.98
CA VAL B 179 -0.48 -29.96 9.51
C VAL B 179 -1.72 -29.90 8.60
N HIS B 180 -2.52 -28.85 8.74
CA HIS B 180 -3.70 -28.67 7.91
C HIS B 180 -3.40 -27.76 6.73
N HIS B 181 -4.07 -28.01 5.60
CA HIS B 181 -3.89 -27.19 4.41
C HIS B 181 -4.40 -25.77 4.63
N GLY B 182 -3.59 -24.78 4.25
CA GLY B 182 -4.00 -23.40 4.34
C GLY B 182 -4.87 -23.00 3.16
N ASN B 183 -6.10 -23.52 3.16
CA ASN B 183 -7.05 -23.30 2.07
C ASN B 183 -7.29 -21.81 1.76
N GLY B 184 -7.32 -21.00 2.81
CA GLY B 184 -7.53 -19.56 2.65
C GLY B 184 -6.38 -18.91 1.92
N THR B 185 -5.15 -19.28 2.29
CA THR B 185 -3.96 -18.68 1.69
C THR B 185 -3.83 -19.07 0.22
N GLN B 186 -4.12 -20.33 -0.08
CA GLN B 186 -4.10 -20.81 -1.46
C GLN B 186 -5.09 -20.05 -2.33
N HIS B 187 -6.32 -19.95 -1.85
CA HIS B 187 -7.40 -19.32 -2.62
C HIS B 187 -7.15 -17.83 -2.88
N ILE B 188 -6.63 -17.13 -1.88
CA ILE B 188 -6.36 -15.70 -2.01
C ILE B 188 -5.27 -15.43 -3.05
N PHE B 189 -4.26 -16.30 -3.11
CA PHE B 189 -3.14 -16.08 -4.02
C PHE B 189 -3.14 -17.01 -5.23
N GLU B 190 -4.24 -17.70 -5.47
CA GLU B 190 -4.32 -18.72 -6.52
C GLU B 190 -3.97 -18.18 -7.91
N GLU B 191 -4.34 -16.94 -8.19
CA GLU B 191 -4.08 -16.32 -9.48
C GLU B 191 -2.91 -15.35 -9.40
N ASP B 192 -2.12 -15.46 -8.34
CA ASP B 192 -1.04 -14.52 -8.09
C ASP B 192 0.33 -15.16 -8.25
N ASP B 193 1.25 -14.43 -8.88
CA ASP B 193 2.60 -14.93 -9.11
C ASP B 193 3.64 -14.17 -8.29
N SER B 194 3.20 -13.13 -7.60
CA SER B 194 4.10 -12.36 -6.73
C SER B 194 4.20 -13.00 -5.35
N VAL B 195 3.30 -13.94 -5.07
CA VAL B 195 3.31 -14.65 -3.82
C VAL B 195 3.30 -16.16 -4.03
N LEU B 196 4.45 -16.80 -3.79
CA LEU B 196 4.55 -18.25 -3.91
C LEU B 196 4.05 -18.93 -2.65
N TYR B 197 3.01 -19.74 -2.79
CA TYR B 197 2.46 -20.46 -1.65
C TYR B 197 2.83 -21.94 -1.68
N ILE B 198 3.60 -22.36 -0.68
CA ILE B 198 3.97 -23.77 -0.55
C ILE B 198 3.44 -24.31 0.77
N SER B 199 2.66 -25.38 0.69
CA SER B 199 2.05 -25.95 1.88
C SER B 199 2.32 -27.45 2.00
N LEU B 200 2.72 -27.88 3.19
CA LEU B 200 2.80 -29.30 3.50
C LEU B 200 1.67 -29.61 4.48
N HIS B 201 0.91 -30.67 4.18
CA HIS B 201 -0.27 -30.96 4.98
C HIS B 201 -0.69 -32.42 4.91
N ARG B 202 -1.26 -32.91 6.00
CA ARG B 202 -1.87 -34.23 6.02
C ARG B 202 -3.14 -34.19 5.17
N TYR B 203 -3.23 -35.09 4.21
CA TYR B 203 -4.29 -35.04 3.21
C TYR B 203 -5.24 -36.22 3.31
N GLU B 204 -4.67 -37.42 3.35
CA GLU B 204 -5.43 -38.67 3.44
C GLU B 204 -6.53 -38.74 2.38
N ASP B 205 -6.18 -38.35 1.15
CA ASP B 205 -7.10 -38.37 0.01
C ASP B 205 -8.38 -37.58 0.30
N GLY B 206 -8.24 -36.50 1.07
CA GLY B 206 -9.37 -35.64 1.37
C GLY B 206 -10.05 -35.96 2.69
N ALA B 207 -9.56 -36.98 3.39
CA ALA B 207 -10.15 -37.41 4.65
C ALA B 207 -9.48 -36.75 5.84
N PHE B 208 -9.18 -35.46 5.72
CA PHE B 208 -8.57 -34.69 6.80
C PHE B 208 -8.90 -33.23 6.60
N PHE B 209 -9.17 -32.53 7.69
CA PHE B 209 -9.57 -31.12 7.63
C PHE B 209 -8.56 -30.28 6.85
N PRO B 210 -9.04 -29.36 5.99
CA PRO B 210 -10.45 -28.99 5.76
C PRO B 210 -11.23 -29.86 4.77
N ASN B 211 -10.80 -31.10 4.54
CA ASN B 211 -11.54 -32.06 3.71
C ASN B 211 -11.90 -31.56 2.31
N SER B 212 -10.93 -30.99 1.62
CA SER B 212 -11.15 -30.50 0.26
C SER B 212 -10.06 -30.98 -0.68
N GLU B 213 -10.41 -31.24 -1.93
CA GLU B 213 -9.44 -31.67 -2.93
C GLU B 213 -8.61 -30.51 -3.43
N ASP B 214 -8.92 -29.31 -2.93
CA ASP B 214 -8.13 -28.12 -3.22
C ASP B 214 -6.72 -28.30 -2.67
N ALA B 215 -6.58 -29.19 -1.69
CA ALA B 215 -5.31 -29.40 -1.01
C ALA B 215 -4.39 -30.37 -1.77
N ASN B 216 -4.92 -31.02 -2.80
CA ASN B 216 -4.15 -32.04 -3.51
C ASN B 216 -3.05 -31.43 -4.38
N TYR B 217 -2.08 -32.26 -4.75
CA TYR B 217 -0.89 -31.80 -5.46
C TYR B 217 -1.17 -31.23 -6.85
N ASP B 218 -2.31 -31.60 -7.43
CA ASP B 218 -2.61 -31.22 -8.81
C ASP B 218 -3.18 -29.81 -8.93
N LYS B 219 -3.40 -29.14 -7.79
CA LYS B 219 -3.83 -27.75 -7.79
C LYS B 219 -2.61 -26.85 -7.80
N VAL B 220 -2.22 -26.39 -8.99
CA VAL B 220 -0.95 -25.67 -9.15
C VAL B 220 -1.12 -24.17 -9.37
N GLY B 221 -2.35 -23.68 -9.20
CA GLY B 221 -2.61 -22.27 -9.41
C GLY B 221 -3.37 -21.99 -10.69
N LEU B 222 -3.83 -20.75 -10.84
CA LEU B 222 -4.65 -20.37 -11.99
C LEU B 222 -4.04 -19.19 -12.72
N GLY B 223 -4.21 -19.15 -14.05
CA GLY B 223 -3.75 -18.05 -14.85
C GLY B 223 -2.26 -17.79 -14.73
N LYS B 224 -1.90 -16.54 -14.43
CA LYS B 224 -0.50 -16.17 -14.28
C LYS B 224 0.10 -16.77 -13.00
N GLY B 225 -0.77 -17.34 -12.17
CA GLY B 225 -0.33 -17.95 -10.92
C GLY B 225 -0.06 -19.44 -11.03
N ARG B 226 -0.05 -19.97 -12.25
CA ARG B 226 0.22 -21.38 -12.45
C ARG B 226 1.67 -21.71 -12.12
N GLY B 227 1.86 -22.66 -11.21
CA GLY B 227 3.18 -23.04 -10.76
C GLY B 227 3.56 -22.34 -9.46
N TYR B 228 2.70 -21.43 -9.02
CA TYR B 228 2.95 -20.66 -7.80
C TYR B 228 2.06 -21.11 -6.66
N ASN B 229 1.48 -22.29 -6.81
CA ASN B 229 0.76 -22.93 -5.72
C ASN B 229 1.22 -24.39 -5.59
N VAL B 230 2.07 -24.64 -4.60
CA VAL B 230 2.63 -25.97 -4.41
C VAL B 230 2.01 -26.68 -3.21
N ASN B 231 1.24 -27.73 -3.47
CA ASN B 231 0.66 -28.53 -2.41
C ASN B 231 1.41 -29.84 -2.21
N ILE B 232 1.85 -30.09 -0.98
CA ILE B 232 2.52 -31.33 -0.64
C ILE B 232 1.66 -32.15 0.31
N PRO B 233 0.83 -33.06 -0.25
CA PRO B 233 -0.16 -33.83 0.49
C PRO B 233 0.33 -35.19 0.97
N TRP B 234 0.35 -35.40 2.27
CA TRP B 234 0.73 -36.70 2.82
C TRP B 234 -0.47 -37.65 2.89
N ASN B 235 -0.23 -38.92 2.60
CA ASN B 235 -1.28 -39.94 2.70
C ASN B 235 -0.76 -41.20 3.36
N GLY B 236 -1.54 -41.73 4.30
CA GLY B 236 -1.26 -43.00 4.94
C GLY B 236 0.15 -43.13 5.50
N GLY B 237 0.41 -42.46 6.60
CA GLY B 237 1.72 -42.53 7.23
C GLY B 237 1.90 -41.49 8.32
N LYS B 238 2.42 -41.93 9.46
CA LYS B 238 2.71 -41.05 10.57
C LYS B 238 3.97 -40.26 10.26
N MET B 239 3.82 -39.21 9.45
CA MET B 239 4.96 -38.44 8.95
C MET B 239 5.70 -37.71 10.05
N GLY B 240 7.01 -37.52 9.85
CA GLY B 240 7.84 -36.86 10.84
C GLY B 240 9.04 -36.18 10.21
N ASP B 241 10.13 -36.07 10.97
CA ASP B 241 11.34 -35.40 10.53
C ASP B 241 11.87 -35.88 9.17
N PRO B 242 12.04 -37.20 8.97
CA PRO B 242 12.65 -37.60 7.70
C PRO B 242 11.81 -37.24 6.48
N GLU B 243 10.49 -37.21 6.64
CA GLU B 243 9.59 -36.94 5.54
C GLU B 243 9.59 -35.46 5.17
N TYR B 244 9.55 -34.60 6.19
CA TYR B 244 9.54 -33.16 5.95
C TYR B 244 10.91 -32.67 5.47
N MET B 245 11.98 -33.30 5.94
CA MET B 245 13.31 -32.97 5.45
C MET B 245 13.42 -33.30 3.97
N ALA B 246 12.85 -34.45 3.58
CA ALA B 246 12.88 -34.88 2.19
C ALA B 246 12.10 -33.92 1.29
N ALA B 247 10.93 -33.51 1.75
CA ALA B 247 10.08 -32.59 1.00
C ALA B 247 10.76 -31.22 0.87
N PHE B 248 11.51 -30.83 1.89
CA PHE B 248 12.25 -29.57 1.84
C PHE B 248 13.45 -29.66 0.92
N HIS B 249 14.17 -30.78 0.99
CA HIS B 249 15.39 -30.95 0.20
C HIS B 249 15.12 -31.01 -1.30
N HIS B 250 14.03 -31.66 -1.69
CA HIS B 250 13.80 -31.95 -3.10
C HIS B 250 12.70 -31.11 -3.75
N LEU B 251 11.88 -30.46 -2.93
CA LEU B 251 10.76 -29.69 -3.46
C LEU B 251 10.80 -28.22 -3.03
N VAL B 252 10.60 -27.99 -1.75
CA VAL B 252 10.45 -26.64 -1.20
C VAL B 252 11.64 -25.73 -1.52
N MET B 253 12.83 -26.14 -1.08
CA MET B 253 14.01 -25.31 -1.26
C MET B 253 14.41 -25.09 -2.74
N PRO B 254 14.38 -26.15 -3.58
CA PRO B 254 14.70 -25.87 -4.98
C PRO B 254 13.73 -24.89 -5.64
N ILE B 255 12.44 -25.05 -5.38
CA ILE B 255 11.43 -24.16 -5.94
C ILE B 255 11.58 -22.74 -5.39
N ALA B 256 11.84 -22.64 -4.09
CA ALA B 256 11.99 -21.36 -3.43
C ALA B 256 13.19 -20.59 -3.98
N ARG B 257 14.32 -21.26 -4.15
CA ARG B 257 15.51 -20.63 -4.69
C ARG B 257 15.26 -20.05 -6.09
N GLU B 258 14.55 -20.80 -6.91
CA GLU B 258 14.26 -20.34 -8.27
C GLU B 258 13.33 -19.14 -8.24
N PHE B 259 12.32 -19.20 -7.37
CA PHE B 259 11.40 -18.09 -7.17
C PHE B 259 12.13 -16.87 -6.64
N ALA B 260 13.17 -17.11 -5.84
CA ALA B 260 13.99 -16.07 -5.25
C ALA B 260 13.14 -15.03 -4.50
N PRO B 261 12.58 -15.43 -3.35
CA PRO B 261 11.70 -14.54 -2.58
C PRO B 261 12.47 -13.40 -1.91
N GLU B 262 11.79 -12.27 -1.71
CA GLU B 262 12.39 -11.13 -1.03
C GLU B 262 11.93 -11.09 0.42
N LEU B 263 10.92 -11.88 0.73
CA LEU B 263 10.41 -12.00 2.09
C LEU B 263 9.80 -13.39 2.28
N VAL B 264 10.17 -14.04 3.38
CA VAL B 264 9.65 -15.38 3.65
C VAL B 264 8.74 -15.36 4.88
N LEU B 265 7.47 -15.64 4.68
CA LEU B 265 6.51 -15.77 5.76
C LEU B 265 6.26 -17.25 6.02
N VAL B 266 6.33 -17.64 7.29
CA VAL B 266 6.07 -19.04 7.65
C VAL B 266 4.75 -19.16 8.41
N SER B 267 3.76 -19.78 7.78
CA SER B 267 2.56 -20.18 8.51
C SER B 267 2.94 -21.31 9.45
N ALA B 268 3.51 -20.94 10.59
CA ALA B 268 4.12 -21.91 11.50
C ALA B 268 3.12 -22.52 12.46
N GLY B 269 2.35 -23.49 11.96
CA GLY B 269 1.50 -24.29 12.81
C GLY B 269 2.30 -25.48 13.30
N PHE B 270 2.25 -25.73 14.61
CA PHE B 270 3.04 -26.81 15.18
C PHE B 270 2.16 -27.99 15.60
N ASP B 271 1.09 -28.22 14.85
CA ASP B 271 0.21 -29.35 15.12
C ASP B 271 0.67 -30.60 14.39
N ALA B 272 1.74 -30.47 13.61
CA ALA B 272 2.36 -31.63 12.97
C ALA B 272 3.41 -32.20 13.92
N ALA B 273 3.54 -31.58 15.09
CA ALA B 273 4.58 -31.92 16.04
C ALA B 273 4.26 -33.19 16.84
N ARG B 274 5.31 -33.87 17.26
CA ARG B 274 5.22 -35.03 18.13
C ARG B 274 4.44 -34.70 19.40
N GLY B 275 3.29 -35.34 19.57
CA GLY B 275 2.50 -35.16 20.76
C GLY B 275 1.25 -34.32 20.57
N ASP B 276 0.98 -33.92 19.33
CA ASP B 276 -0.22 -33.13 19.06
C ASP B 276 -1.44 -34.03 18.93
N PRO B 277 -2.53 -33.67 19.63
CA PRO B 277 -3.75 -34.48 19.67
C PRO B 277 -4.53 -34.46 18.36
N LEU B 278 -4.31 -33.44 17.53
CA LEU B 278 -5.07 -33.29 16.30
C LEU B 278 -4.30 -33.70 15.05
N GLY B 279 -2.99 -33.52 15.08
CA GLY B 279 -2.16 -33.77 13.91
C GLY B 279 -1.98 -35.24 13.58
N GLY B 280 -1.56 -36.02 14.58
CA GLY B 280 -1.30 -37.43 14.38
C GLY B 280 0.04 -37.65 13.72
N PHE B 281 0.86 -36.61 13.67
CA PHE B 281 2.21 -36.70 13.13
C PHE B 281 3.23 -36.66 14.24
N GLN B 282 4.52 -36.67 13.88
CA GLN B 282 5.57 -36.76 14.89
C GLN B 282 6.84 -35.99 14.54
N VAL B 283 6.68 -34.77 14.05
CA VAL B 283 7.83 -33.91 13.82
C VAL B 283 8.38 -33.42 15.16
N THR B 284 9.70 -33.54 15.33
CA THR B 284 10.35 -33.18 16.59
C THR B 284 10.73 -31.69 16.60
N PRO B 285 10.98 -31.13 17.79
CA PRO B 285 11.46 -29.74 17.87
C PRO B 285 12.74 -29.50 17.08
N GLU B 286 13.63 -30.49 17.05
CA GLU B 286 14.86 -30.39 16.28
C GLU B 286 14.55 -30.38 14.79
N GLY B 287 13.42 -30.99 14.43
CA GLY B 287 12.97 -31.02 13.06
C GLY B 287 12.57 -29.64 12.57
N TYR B 288 11.72 -28.98 13.35
CA TYR B 288 11.29 -27.62 13.03
C TYR B 288 12.47 -26.67 13.00
N ALA B 289 13.49 -26.96 13.81
CA ALA B 289 14.71 -26.17 13.84
C ALA B 289 15.43 -26.23 12.50
N HIS B 290 15.50 -27.42 11.92
CA HIS B 290 16.16 -27.60 10.64
C HIS B 290 15.35 -27.00 9.50
N LEU B 291 14.02 -27.06 9.62
CA LEU B 291 13.15 -26.42 8.64
C LEU B 291 13.36 -24.92 8.67
N THR B 292 13.48 -24.37 9.87
CA THR B 292 13.72 -22.94 10.06
C THR B 292 15.06 -22.54 9.45
N HIS B 293 16.10 -23.32 9.74
CA HIS B 293 17.45 -23.01 9.31
C HIS B 293 17.56 -22.98 7.79
N GLN B 294 16.87 -23.90 7.13
CA GLN B 294 16.87 -23.97 5.68
C GLN B 294 16.19 -22.75 5.06
N LEU B 295 15.08 -22.33 5.66
CA LEU B 295 14.36 -21.17 5.18
C LEU B 295 15.15 -19.88 5.39
N MET B 296 16.09 -19.92 6.33
CA MET B 296 16.93 -18.75 6.62
C MET B 296 17.94 -18.48 5.51
N SER B 297 18.16 -19.47 4.65
CA SER B 297 19.07 -19.30 3.53
C SER B 297 18.41 -18.52 2.41
N LEU B 298 17.13 -18.24 2.57
CA LEU B 298 16.34 -17.53 1.56
C LEU B 298 16.17 -16.05 1.93
N ALA B 299 15.95 -15.23 0.90
CA ALA B 299 15.60 -13.81 1.08
C ALA B 299 16.55 -13.06 1.99
N ALA B 300 17.84 -13.39 1.92
CA ALA B 300 18.87 -12.76 2.76
C ALA B 300 18.54 -12.84 4.24
N GLY B 301 17.79 -13.87 4.63
CA GLY B 301 17.47 -14.12 6.02
C GLY B 301 16.23 -13.40 6.51
N ARG B 302 15.48 -12.80 5.60
CA ARG B 302 14.27 -12.08 5.97
C ARG B 302 13.09 -13.03 6.11
N VAL B 303 12.94 -13.58 7.32
CA VAL B 303 11.93 -14.59 7.60
C VAL B 303 11.05 -14.20 8.79
N LEU B 304 9.73 -14.20 8.56
CA LEU B 304 8.77 -13.92 9.63
C LEU B 304 7.99 -15.18 9.98
N ILE B 305 8.20 -15.69 11.19
CA ILE B 305 7.56 -16.92 11.62
C ILE B 305 6.27 -16.63 12.39
N ILE B 306 5.14 -16.98 11.77
CA ILE B 306 3.83 -16.69 12.32
C ILE B 306 3.14 -17.95 12.86
N LEU B 307 2.72 -17.90 14.12
CA LEU B 307 2.05 -19.03 14.75
C LEU B 307 0.66 -19.28 14.15
N GLU B 308 0.38 -20.54 13.80
CA GLU B 308 -0.97 -20.92 13.37
C GLU B 308 -1.60 -21.90 14.35
N GLY B 309 -1.65 -23.17 13.94
CA GLY B 309 -2.19 -24.22 14.79
C GLY B 309 -1.12 -24.87 15.64
N GLY B 310 -1.51 -25.88 16.41
CA GLY B 310 -0.62 -26.48 17.40
C GLY B 310 -1.31 -26.48 18.75
N TYR B 311 -1.59 -27.67 19.30
CA TYR B 311 -2.49 -27.76 20.44
C TYR B 311 -1.96 -28.59 21.62
N ASN B 312 -0.74 -29.09 21.50
CA ASN B 312 -0.05 -29.65 22.65
C ASN B 312 0.83 -28.55 23.26
N LEU B 313 0.39 -28.01 24.39
CA LEU B 313 1.01 -26.84 24.99
C LEU B 313 2.53 -26.95 25.14
N THR B 314 3.00 -28.11 25.58
CA THR B 314 4.43 -28.33 25.74
C THR B 314 5.12 -28.40 24.38
N SER B 315 4.51 -29.12 23.44
CA SER B 315 5.10 -29.35 22.12
CA SER B 315 5.10 -29.34 22.13
C SER B 315 5.31 -28.04 21.37
N ILE B 316 4.28 -27.22 21.28
CA ILE B 316 4.37 -25.96 20.54
C ILE B 316 5.30 -24.97 21.24
N SER B 317 5.39 -25.05 22.55
CA SER B 317 6.29 -24.18 23.31
C SER B 317 7.73 -24.53 22.99
N GLU B 318 8.03 -25.83 22.99
CA GLU B 318 9.38 -26.31 22.74
C GLU B 318 9.77 -26.18 21.28
N SER B 319 8.81 -26.41 20.38
CA SER B 319 9.07 -26.40 18.95
C SER B 319 9.27 -24.98 18.39
N MET B 320 8.46 -24.04 18.86
CA MET B 320 8.57 -22.67 18.37
C MET B 320 9.75 -21.95 19.02
N SER B 321 10.13 -22.38 20.22
CA SER B 321 11.33 -21.85 20.86
C SER B 321 12.56 -22.24 20.06
N MET B 322 12.57 -23.48 19.59
CA MET B 322 13.64 -23.98 18.74
C MET B 322 13.82 -23.11 17.49
N CYS B 323 12.70 -22.74 16.88
CA CYS B 323 12.73 -21.91 15.68
C CYS B 323 13.36 -20.55 15.96
N THR B 324 12.94 -19.93 17.06
CA THR B 324 13.49 -18.66 17.49
C THR B 324 15.00 -18.77 17.71
N SER B 325 15.41 -19.88 18.33
CA SER B 325 16.82 -20.15 18.56
C SER B 325 17.59 -20.20 17.24
N MET B 326 16.96 -20.71 16.19
CA MET B 326 17.59 -20.76 14.88
C MET B 326 17.67 -19.37 14.26
N LEU B 327 16.60 -18.60 14.39
CA LEU B 327 16.58 -17.23 13.89
C LEU B 327 17.63 -16.36 14.59
N LEU B 328 17.96 -16.73 15.82
CA LEU B 328 18.93 -15.98 16.62
C LEU B 328 20.36 -16.32 16.23
N GLY B 329 20.53 -17.39 15.46
CA GLY B 329 21.84 -17.77 14.96
C GLY B 329 22.48 -18.95 15.65
N ASP B 330 21.76 -19.55 16.59
CA ASP B 330 22.26 -20.72 17.30
C ASP B 330 22.38 -21.90 16.34
N SER B 331 23.35 -22.78 16.60
CA SER B 331 23.60 -23.93 15.73
C SER B 331 22.45 -24.93 15.80
N PRO B 332 22.08 -25.50 14.63
CA PRO B 332 21.04 -26.53 14.54
C PRO B 332 21.35 -27.73 15.42
N PRO B 333 20.35 -28.23 16.15
CA PRO B 333 20.52 -29.45 16.95
C PRO B 333 20.70 -30.66 16.04
N SER B 334 21.33 -31.71 16.54
CA SER B 334 21.57 -32.90 15.73
C SER B 334 20.28 -33.68 15.48
N LEU B 335 20.03 -34.01 14.23
CA LEU B 335 18.91 -34.87 13.88
C LEU B 335 19.36 -36.33 13.91
N ASP B 336 19.10 -37.00 15.01
CA ASP B 336 19.41 -38.41 15.11
C ASP B 336 18.17 -39.21 15.45
N HIS B 337 18.32 -40.53 15.52
CA HIS B 337 17.20 -41.45 15.68
C HIS B 337 16.19 -41.27 14.56
N LEU B 338 16.68 -40.90 13.37
CA LEU B 338 15.83 -40.73 12.21
C LEU B 338 15.50 -42.07 11.56
N THR B 339 14.22 -42.27 11.27
CA THR B 339 13.77 -43.49 10.62
C THR B 339 13.99 -43.39 9.12
N PRO B 340 13.99 -44.54 8.42
CA PRO B 340 14.08 -44.47 6.96
C PRO B 340 12.87 -43.77 6.36
N LEU B 341 13.05 -43.14 5.20
CA LEU B 341 11.97 -42.41 4.55
C LEU B 341 10.80 -43.33 4.24
N LYS B 342 9.64 -43.00 4.77
CA LYS B 342 8.41 -43.73 4.43
C LYS B 342 8.12 -43.50 2.95
N THR B 343 8.12 -44.59 2.18
CA THR B 343 8.00 -44.51 0.72
C THR B 343 6.71 -43.83 0.27
N SER B 344 5.70 -43.83 1.15
CA SER B 344 4.45 -43.13 0.89
C SER B 344 4.71 -41.65 0.66
N ALA B 345 5.66 -41.10 1.39
CA ALA B 345 6.03 -39.69 1.26
C ALA B 345 6.75 -39.43 -0.06
N THR B 346 7.63 -40.35 -0.44
CA THR B 346 8.33 -40.26 -1.72
C THR B 346 7.34 -40.22 -2.88
N VAL B 347 6.28 -41.02 -2.76
CA VAL B 347 5.21 -41.03 -3.75
C VAL B 347 4.55 -39.65 -3.84
N SER B 348 4.23 -39.07 -2.69
CA SER B 348 3.63 -37.74 -2.65
C SER B 348 4.53 -36.69 -3.26
N ILE B 349 5.80 -36.70 -2.86
CA ILE B 349 6.80 -35.77 -3.37
C ILE B 349 6.92 -35.86 -4.89
N ASN B 350 6.94 -37.10 -5.40
CA ASN B 350 7.04 -37.32 -6.84
C ASN B 350 5.80 -36.87 -7.61
N ASN B 351 4.64 -36.95 -6.96
CA ASN B 351 3.42 -36.42 -7.54
C ASN B 351 3.51 -34.90 -7.70
N VAL B 352 4.05 -34.25 -6.68
CA VAL B 352 4.25 -32.81 -6.72
C VAL B 352 5.31 -32.43 -7.75
N LEU B 353 6.41 -33.18 -7.75
CA LEU B 353 7.49 -32.97 -8.70
C LEU B 353 6.98 -33.07 -10.14
N ARG B 354 6.09 -34.03 -10.37
CA ARG B 354 5.51 -34.21 -11.70
C ARG B 354 4.60 -33.04 -12.06
N ALA B 355 3.84 -32.57 -11.07
CA ALA B 355 2.88 -31.50 -11.30
C ALA B 355 3.55 -30.15 -11.52
N HIS B 356 4.71 -29.94 -10.92
CA HIS B 356 5.37 -28.63 -10.96
C HIS B 356 6.63 -28.60 -11.81
N ALA B 357 7.01 -29.74 -12.36
CA ALA B 357 8.12 -29.80 -13.30
C ALA B 357 7.98 -28.84 -14.49
N PRO B 358 6.77 -28.70 -15.07
CA PRO B 358 6.68 -27.77 -16.20
C PRO B 358 6.96 -26.31 -15.85
N PHE B 359 6.79 -25.94 -14.58
CA PHE B 359 6.89 -24.54 -14.19
C PHE B 359 8.22 -24.18 -13.55
N TRP B 360 8.94 -25.19 -13.07
CA TRP B 360 10.20 -24.95 -12.36
C TRP B 360 11.34 -25.79 -12.92
N SER B 361 12.28 -25.12 -13.56
CA SER B 361 13.41 -25.78 -14.23
C SER B 361 14.33 -26.49 -13.25
N SER B 362 14.37 -26.02 -12.02
CA SER B 362 15.25 -26.60 -11.00
C SER B 362 14.81 -28.01 -10.60
N LEU B 363 13.62 -28.41 -11.05
CA LEU B 363 13.11 -29.75 -10.77
C LEU B 363 13.37 -30.67 -11.95
N ARG B 364 13.90 -30.10 -13.03
CA ARG B 364 14.17 -30.86 -14.25
C ARG B 364 15.67 -31.12 -14.42
ZN ZN C . -6.64 13.60 -7.24
K K D . -2.81 14.62 -13.34
K K E . -2.39 24.20 -23.49
O1 LBH F . -9.37 14.93 -5.51
C21 LBH F . -9.42 14.42 -6.66
N3 LBH F . -8.40 14.71 -7.62
O2 LBH F . -7.39 15.53 -7.29
C20 LBH F . -10.59 13.48 -7.02
C19 LBH F . -11.07 12.55 -6.11
C16 LBH F . -12.45 11.95 -6.32
C15 LBH F . -13.53 12.80 -6.62
C14 LBH F . -14.78 12.27 -6.82
C17 LBH F . -12.64 10.56 -6.25
C18 LBH F . -13.90 10.03 -6.44
C13 LBH F . -14.98 10.87 -6.74
C12 LBH F . -16.36 10.29 -6.95
N2 LBH F . -17.31 10.86 -5.97
C11 LBH F . -17.01 10.30 -4.64
C10 LBH F . -16.32 11.33 -3.75
C3 LBH F . -16.09 10.76 -2.29
C4 LBH F . -16.97 11.00 -1.13
C9 LBH F . -16.39 10.31 -0.07
N1 LBH F . -15.23 9.68 -0.52
C2 LBH F . -15.04 9.93 -1.82
C1 LBH F . -13.89 9.42 -2.65
C8 LBH F . -17.03 10.35 1.22
C7 LBH F . -18.22 11.08 1.42
C6 LBH F . -18.79 11.77 0.34
C5 LBH F . -18.18 11.73 -0.94
C1 GOL G . 4.37 6.63 1.52
O1 GOL G . 3.96 6.61 0.16
C2 GOL G . 4.96 5.28 1.93
O2 GOL G . 3.93 4.39 2.31
C3 GOL G . 5.88 5.51 3.11
O3 GOL G . 5.15 6.15 4.13
ZN ZN H . -3.63 -26.87 11.88
K K I . -0.01 -26.41 5.74
K K J . 0.26 -18.13 -5.65
O1 LBH K . -5.53 -26.11 13.54
C21 LBH K . -6.24 -26.06 12.52
N3 LBH K . -5.70 -25.55 11.29
O2 LBH K . -4.44 -25.14 11.24
C20 LBH K . -7.70 -26.54 12.58
C19 LBH K . -8.00 -27.76 13.17
C16 LBH K . -9.39 -28.38 13.00
C15 LBH K . -10.46 -27.58 12.57
C14 LBH K . -11.71 -28.14 12.41
C17 LBH K . -9.58 -29.74 13.27
C18 LBH K . -10.84 -30.31 13.12
C13 LBH K . -11.91 -29.52 12.70
C12 LBH K . -13.28 -30.13 12.53
N2 LBH K . -14.27 -29.48 13.44
C11 LBH K . -13.98 -29.89 14.82
C10 LBH K . -13.30 -28.76 15.58
C3 LBH K . -13.12 -29.10 17.11
C4 LBH K . -14.06 -28.77 18.19
C9 LBH K . -13.48 -29.26 19.35
N1 LBH K . -12.26 -29.89 19.04
C2 LBH K . -12.03 -29.80 17.73
C1 LBH K . -10.82 -30.35 17.03
C8 LBH K . -14.18 -29.10 20.62
C7 LBH K . -15.41 -28.42 20.66
C6 LBH K . -15.99 -27.92 19.48
C5 LBH K . -15.30 -28.09 18.24
C1 GOL L . 12.13 -2.85 -2.02
O1 GOL L . 10.96 -3.06 -2.76
C2 GOL L . 12.40 -4.01 -1.07
O2 GOL L . 13.72 -4.46 -1.24
C3 GOL L . 12.23 -3.54 0.37
O3 GOL L . 13.32 -4.02 1.12
C1 GOL M . -15.41 -31.60 9.78
O1 GOL M . -16.30 -32.19 10.71
C2 GOL M . -14.39 -32.64 9.35
O2 GOL M . -14.70 -33.87 9.96
C3 GOL M . -13.01 -32.26 9.83
O3 GOL M . -12.44 -33.38 10.46
C1 EDO N . -2.59 -0.24 19.32
O1 EDO N . -3.62 -0.34 18.34
C2 EDO N . -2.82 -1.32 20.37
O2 EDO N . -1.59 -1.59 21.05
#